data_6SJ2
#
_entry.id   6SJ2
#
_cell.length_a   99.810
_cell.length_b   118.890
_cell.length_c   83.320
_cell.angle_alpha   90.000
_cell.angle_beta   90.000
_cell.angle_gamma   90.000
#
_symmetry.space_group_name_H-M   'P 21 21 2'
#
loop_
_entity.id
_entity.type
_entity.pdbx_description
1 polymer Amidohydrolase
2 non-polymer '3-HYDROXYANTHRANILIC ACID'
3 non-polymer 'ZINC ION'
4 non-polymer 'MAGNESIUM ION'
5 non-polymer GLYCEROL
6 water water
#
_entity_poly.entity_id   1
_entity_poly.type   'polypeptide(L)'
_entity_poly.pdbx_seq_one_letter_code
;MSYYHHHHHHDYDIPTTENLYFQGAMGARLITGGTVYTADAQESVHARGAVLTVDDKVVAVGPAVEVEQAVQALDPAVRA
ELRRLDASRMMVLPGFVNAHWHEMFAMGFTMRGALRPPSDRADQVAFMGGGGDMHQISATFDRFDGLIEAMTEDEARAIA
EYSMWIQLRGGVTTLGDMGSLNRPLAMVEAARRLGMRFSASTWASDAVLAPDRSRFLRTRDADTVLASFEALLGAVAADP
TGRIRCRPNVSYVTNMTDELARGMAELVERHDLPFATHVGALRNEADAMRAYHGETGVRRLAEAGLVDERLMAGHSAFLD
DQEQKLMLAGRAHISHSPGKYGPSGESALTETGVVPALRRAGLDVSLSTDAAALPGAGIAETMRAAWQMYNEMSADQTEV
LPTDALAMATRIAAKGLRWDDAVGSLEPGKQADLLLVRTDDWRYLLNPRPLESFLWLAGSADVDTVIVGGRTLVEGGRGV
EVDEAALRDRYLQALRGFTTRALRVPAEAVDPVLAEVAR
;
_entity_poly.pdbx_strand_id   A,B
#
loop_
_chem_comp.id
_chem_comp.type
_chem_comp.name
_chem_comp.formula
3HA non-polymer '3-HYDROXYANTHRANILIC ACID' 'C7 H7 N O3'
GOL non-polymer GLYCEROL 'C3 H8 O3'
MG non-polymer 'MAGNESIUM ION' 'Mg 2'
ZN non-polymer 'ZINC ION' 'Zn 2'
#
# COMPACT_ATOMS: atom_id res chain seq x y z
N ALA A 25 32.93 -15.27 -15.05
CA ALA A 25 32.81 -15.36 -13.56
C ALA A 25 32.62 -13.95 -12.99
N MET A 26 31.79 -13.80 -11.95
CA MET A 26 31.53 -12.49 -11.33
C MET A 26 32.64 -12.14 -10.32
N GLY A 27 33.52 -13.08 -9.94
CA GLY A 27 34.56 -12.85 -8.92
C GLY A 27 33.93 -12.46 -7.59
N ALA A 28 34.66 -11.74 -6.73
CA ALA A 28 34.20 -11.43 -5.36
C ALA A 28 33.54 -10.04 -5.34
N ARG A 29 32.46 -9.94 -4.59
CA ARG A 29 31.77 -8.65 -4.31
C ARG A 29 31.53 -8.53 -2.82
N LEU A 30 31.84 -7.37 -2.24
CA LEU A 30 31.56 -7.08 -0.82
C LEU A 30 30.57 -5.92 -0.78
N ILE A 31 29.38 -6.19 -0.29
CA ILE A 31 28.32 -5.16 -0.12
C ILE A 31 28.25 -4.87 1.37
N THR A 32 28.71 -3.69 1.79
CA THR A 32 28.98 -3.47 3.25
C THR A 32 28.39 -2.14 3.71
N GLY A 33 27.93 -2.11 4.97
N GLY A 33 28.06 -2.07 5.01
CA GLY A 33 27.56 -0.87 5.68
CA GLY A 33 27.34 -0.94 5.64
C GLY A 33 26.07 -0.64 5.83
C GLY A 33 25.86 -1.10 5.37
N GLY A 34 25.22 -1.37 5.07
N GLY A 34 25.01 -0.35 6.03
CA GLY A 34 23.75 -1.18 5.09
CA GLY A 34 23.57 -0.53 5.78
C GLY A 34 23.07 -2.04 6.17
C GLY A 34 23.06 -1.87 6.31
N THR A 35 21.74 -1.93 6.33
CA THR A 35 20.96 -2.91 7.12
C THR A 35 20.68 -4.11 6.22
N VAL A 36 21.14 -5.28 6.62
CA VAL A 36 20.99 -6.52 5.83
C VAL A 36 19.92 -7.39 6.46
N TYR A 37 18.87 -7.67 5.69
CA TYR A 37 17.81 -8.63 6.05
C TYR A 37 18.12 -9.95 5.35
N THR A 38 18.32 -11.01 6.11
CA THR A 38 18.79 -12.29 5.56
C THR A 38 17.62 -13.20 5.15
N ALA A 39 16.48 -13.11 5.81
CA ALA A 39 15.41 -14.13 5.76
C ALA A 39 16.00 -15.52 6.01
N ASP A 40 17.01 -15.63 6.87
CA ASP A 40 17.53 -16.96 7.28
C ASP A 40 16.55 -17.57 8.29
N ALA A 41 16.87 -18.75 8.82
CA ALA A 41 15.93 -19.51 9.67
C ALA A 41 15.54 -18.69 10.91
N GLN A 42 16.39 -17.76 11.35
CA GLN A 42 16.12 -16.91 12.53
C GLN A 42 15.62 -15.53 12.09
N GLU A 43 15.34 -15.33 10.80
CA GLU A 43 14.91 -14.03 10.24
C GLU A 43 15.94 -12.95 10.58
N SER A 44 17.22 -13.29 10.54
CA SER A 44 18.31 -12.42 11.09
C SER A 44 18.36 -11.09 10.35
N VAL A 45 18.56 -10.02 11.12
CA VAL A 45 18.79 -8.64 10.60
C VAL A 45 20.13 -8.18 11.14
N HIS A 46 20.97 -7.62 10.28
CA HIS A 46 22.30 -7.08 10.68
C HIS A 46 22.34 -5.59 10.35
N ALA A 47 22.24 -4.74 11.37
CA ALA A 47 22.55 -3.30 11.23
C ALA A 47 24.05 -3.19 10.88
N ARG A 48 24.40 -2.32 9.94
CA ARG A 48 25.80 -2.15 9.47
C ARG A 48 26.36 -3.54 9.14
N GLY A 49 25.57 -4.34 8.42
CA GLY A 49 25.94 -5.70 8.04
C GLY A 49 26.65 -5.71 6.71
N ALA A 50 27.12 -6.87 6.30
CA ALA A 50 27.81 -7.03 5.01
C ALA A 50 27.49 -8.38 4.41
N VAL A 51 27.57 -8.44 3.09
CA VAL A 51 27.43 -9.69 2.30
C VAL A 51 28.68 -9.79 1.43
N LEU A 52 29.40 -10.90 1.54
CA LEU A 52 30.50 -11.25 0.62
C LEU A 52 30.00 -12.34 -0.30
N THR A 53 30.12 -12.11 -1.61
CA THR A 53 29.78 -13.11 -2.65
C THR A 53 31.04 -13.46 -3.41
N VAL A 54 31.12 -14.69 -3.87
CA VAL A 54 32.19 -15.14 -4.81
C VAL A 54 31.49 -15.88 -5.94
N ASP A 55 31.68 -15.39 -7.15
CA ASP A 55 30.99 -15.90 -8.36
C ASP A 55 29.48 -15.87 -8.08
N ASP A 56 28.80 -17.00 -8.13
CA ASP A 56 27.32 -17.03 -8.09
C ASP A 56 26.80 -17.11 -6.65
N LYS A 57 27.66 -17.27 -5.65
CA LYS A 57 27.22 -17.70 -4.30
C LYS A 57 27.57 -16.69 -3.22
N VAL A 58 26.71 -16.62 -2.22
CA VAL A 58 27.03 -15.95 -0.92
C VAL A 58 28.09 -16.79 -0.21
N VAL A 59 29.13 -16.14 0.28
CA VAL A 59 30.22 -16.81 1.06
C VAL A 59 30.14 -16.40 2.54
N ALA A 60 29.76 -15.17 2.85
CA ALA A 60 29.69 -14.71 4.25
C ALA A 60 28.63 -13.61 4.35
N VAL A 61 27.92 -13.59 5.47
N VAL A 61 27.92 -13.63 5.47
CA VAL A 61 26.90 -12.54 5.72
CA VAL A 61 26.86 -12.64 5.79
C VAL A 61 26.73 -12.39 7.24
C VAL A 61 26.93 -12.41 7.30
N GLY A 62 26.80 -11.16 7.71
CA GLY A 62 26.71 -10.86 9.14
C GLY A 62 27.29 -9.49 9.40
N PRO A 63 27.73 -9.24 10.64
CA PRO A 63 28.40 -8.00 10.98
C PRO A 63 29.61 -7.78 10.06
N ALA A 64 29.83 -6.53 9.67
CA ALA A 64 30.91 -6.11 8.74
C ALA A 64 32.25 -6.71 9.17
N VAL A 65 32.57 -6.72 10.47
CA VAL A 65 33.88 -7.19 11.02
C VAL A 65 34.06 -8.69 10.75
N GLU A 66 33.00 -9.48 10.93
CA GLU A 66 32.98 -10.96 10.70
C GLU A 66 33.18 -11.25 9.21
N VAL A 67 32.50 -10.49 8.35
CA VAL A 67 32.60 -10.67 6.87
C VAL A 67 34.00 -10.27 6.39
N GLU A 68 34.63 -9.26 7.02
CA GLU A 68 36.02 -8.84 6.68
C GLU A 68 36.98 -10.03 6.87
N GLN A 69 36.75 -10.90 7.87
CA GLN A 69 37.57 -12.13 8.08
C GLN A 69 37.44 -13.03 6.85
N ALA A 70 36.23 -13.16 6.28
CA ALA A 70 36.00 -13.95 5.05
C ALA A 70 36.72 -13.28 3.87
N VAL A 71 36.78 -11.95 3.82
CA VAL A 71 37.53 -11.23 2.73
C VAL A 71 39.01 -11.64 2.80
N GLN A 72 39.58 -11.71 3.99
CA GLN A 72 41.02 -12.07 4.17
C GLN A 72 41.27 -13.53 3.78
N ALA A 73 40.22 -14.36 3.73
CA ALA A 73 40.31 -15.80 3.39
C ALA A 73 40.16 -16.03 1.88
N LEU A 74 39.88 -14.99 1.10
CA LEU A 74 39.74 -15.12 -0.38
C LEU A 74 41.08 -15.54 -1.00
N ASP A 75 41.02 -16.23 -2.13
CA ASP A 75 42.19 -16.39 -3.02
C ASP A 75 42.77 -15.00 -3.26
N PRO A 76 44.11 -14.81 -3.19
CA PRO A 76 44.72 -13.50 -3.40
C PRO A 76 44.32 -12.77 -4.70
N ALA A 77 44.28 -13.50 -5.82
CA ALA A 77 43.93 -12.95 -7.16
C ALA A 77 42.47 -12.52 -7.16
N VAL A 78 41.62 -13.25 -6.45
CA VAL A 78 40.16 -12.92 -6.30
C VAL A 78 40.05 -11.67 -5.43
N ARG A 79 40.77 -11.60 -4.31
CA ARG A 79 40.75 -10.42 -3.40
C ARG A 79 41.25 -9.17 -4.14
N ALA A 80 42.28 -9.32 -4.99
CA ALA A 80 42.87 -8.19 -5.75
C ALA A 80 41.81 -7.52 -6.62
N GLU A 81 40.81 -8.27 -7.10
N GLU A 81 40.80 -8.27 -7.10
CA GLU A 81 39.76 -7.78 -8.03
CA GLU A 81 39.76 -7.78 -8.03
C GLU A 81 38.42 -7.63 -7.30
C GLU A 81 38.42 -7.63 -7.30
N LEU A 82 38.42 -7.66 -5.96
CA LEU A 82 37.18 -7.52 -5.14
C LEU A 82 36.47 -6.23 -5.54
N ARG A 83 35.17 -6.32 -5.80
CA ARG A 83 34.31 -5.12 -6.04
C ARG A 83 33.61 -4.75 -4.72
N ARG A 84 34.03 -3.64 -4.11
CA ARG A 84 33.49 -3.14 -2.82
C ARG A 84 32.37 -2.15 -3.13
N LEU A 85 31.18 -2.41 -2.61
CA LEU A 85 30.01 -1.52 -2.77
C LEU A 85 29.66 -0.99 -1.38
N ASP A 86 29.76 0.32 -1.19
CA ASP A 86 29.37 0.98 0.09
C ASP A 86 27.85 1.14 0.07
N ALA A 87 27.17 0.26 0.80
CA ALA A 87 25.71 0.22 0.89
C ALA A 87 25.24 0.89 2.19
N SER A 88 26.03 1.78 2.77
CA SER A 88 25.70 2.39 4.07
C SER A 88 24.42 3.23 3.98
N ARG A 89 24.04 3.71 2.80
CA ARG A 89 22.79 4.50 2.61
C ARG A 89 21.69 3.63 2.00
N MET A 90 21.77 2.32 2.22
N MET A 90 21.77 2.32 2.21
CA MET A 90 20.84 1.35 1.60
CA MET A 90 20.86 1.34 1.58
C MET A 90 20.44 0.27 2.59
C MET A 90 20.43 0.28 2.59
N MET A 91 19.39 -0.46 2.20
CA MET A 91 18.93 -1.69 2.84
C MET A 91 19.19 -2.82 1.85
N VAL A 92 19.66 -3.96 2.35
CA VAL A 92 19.94 -5.17 1.54
C VAL A 92 18.86 -6.21 1.86
N LEU A 93 18.19 -6.72 0.84
CA LEU A 93 17.18 -7.80 0.99
C LEU A 93 17.61 -9.00 0.14
N PRO A 94 17.10 -10.21 0.44
CA PRO A 94 17.18 -11.29 -0.52
C PRO A 94 16.30 -10.95 -1.71
N GLY A 95 16.68 -11.44 -2.89
CA GLY A 95 15.83 -11.34 -4.09
C GLY A 95 14.45 -11.91 -3.80
N PHE A 96 13.41 -11.26 -4.29
CA PHE A 96 12.03 -11.75 -4.08
C PHE A 96 11.82 -13.00 -4.92
N VAL A 97 11.07 -13.94 -4.34
CA VAL A 97 10.66 -15.19 -5.00
C VAL A 97 9.16 -15.11 -5.17
N ASN A 98 8.71 -14.82 -6.38
CA ASN A 98 7.27 -14.65 -6.70
C ASN A 98 6.83 -15.95 -7.36
N ALA A 99 6.33 -16.87 -6.54
CA ALA A 99 6.15 -18.29 -6.95
C ALA A 99 4.75 -18.51 -7.54
N HIS A 100 3.87 -17.52 -7.52
CA HIS A 100 2.51 -17.64 -8.06
C HIS A 100 2.26 -16.41 -8.92
N TRP A 101 2.51 -16.58 -10.20
CA TRP A 101 2.46 -15.51 -11.20
C TRP A 101 1.92 -16.10 -12.49
N HIS A 102 1.36 -15.25 -13.33
CA HIS A 102 0.83 -15.62 -14.66
C HIS A 102 1.29 -14.55 -15.63
N GLU A 103 1.77 -14.96 -16.79
CA GLU A 103 2.03 -14.03 -17.90
C GLU A 103 0.70 -13.81 -18.62
N MET A 104 0.13 -12.61 -18.52
CA MET A 104 -1.20 -12.28 -19.12
C MET A 104 -1.14 -10.96 -19.91
N PHE A 105 0.04 -10.39 -20.14
CA PHE A 105 0.14 -9.06 -20.78
C PHE A 105 -0.39 -9.10 -22.22
N ALA A 106 -0.54 -10.26 -22.84
CA ALA A 106 -1.14 -10.34 -24.19
C ALA A 106 -2.60 -9.88 -24.16
N MET A 107 -3.23 -9.85 -22.99
CA MET A 107 -4.67 -9.48 -22.85
C MET A 107 -4.79 -8.02 -22.39
N GLY A 108 -3.77 -7.19 -22.59
CA GLY A 108 -3.76 -5.79 -22.12
C GLY A 108 -4.91 -4.97 -22.68
N PHE A 109 -5.42 -5.26 -23.87
CA PHE A 109 -6.53 -4.46 -24.48
C PHE A 109 -7.91 -4.92 -23.99
N THR A 110 -8.06 -6.12 -23.43
CA THR A 110 -9.39 -6.75 -23.19
C THR A 110 -9.67 -7.03 -21.70
N MET A 111 -8.65 -7.36 -20.91
CA MET A 111 -8.80 -7.82 -19.51
C MET A 111 -8.58 -6.65 -18.55
N ARG A 112 -9.66 -6.05 -18.03
CA ARG A 112 -9.58 -4.90 -17.09
C ARG A 112 -8.57 -3.91 -17.69
N GLY A 113 -8.67 -3.63 -19.00
CA GLY A 113 -7.48 -3.18 -19.73
C GLY A 113 -7.58 -1.81 -20.37
N ALA A 114 -6.92 -1.68 -21.51
CA ALA A 114 -6.54 -0.40 -22.13
C ALA A 114 -7.76 0.27 -22.78
N LEU A 115 -8.85 -0.45 -23.02
CA LEU A 115 -10.02 0.09 -23.76
C LEU A 115 -11.12 0.54 -22.80
N ARG A 116 -10.92 0.43 -21.49
CA ARG A 116 -11.91 0.93 -20.51
C ARG A 116 -12.04 2.44 -20.62
N PRO A 117 -13.23 3.00 -20.31
CA PRO A 117 -13.35 4.46 -20.20
C PRO A 117 -12.55 4.95 -19.00
N PRO A 118 -12.02 6.19 -19.02
CA PRO A 118 -11.27 6.72 -17.90
C PRO A 118 -12.09 6.77 -16.61
N SER A 119 -13.38 7.10 -16.71
CA SER A 119 -14.31 7.05 -15.57
C SER A 119 -14.55 5.59 -15.17
N ASP A 120 -14.47 5.29 -13.87
CA ASP A 120 -14.75 3.94 -13.32
C ASP A 120 -16.21 3.83 -12.85
N ARG A 121 -17.03 4.85 -13.05
CA ARG A 121 -18.33 4.94 -12.32
C ARG A 121 -19.28 3.82 -12.74
N ALA A 122 -19.20 3.33 -13.98
CA ALA A 122 -20.13 2.30 -14.50
C ALA A 122 -19.57 0.88 -14.30
N ASP A 123 -18.46 0.71 -13.59
CA ASP A 123 -17.88 -0.64 -13.39
C ASP A 123 -18.91 -1.54 -12.71
N GLN A 124 -18.90 -2.82 -13.08
N GLN A 124 -18.90 -2.82 -13.08
CA GLN A 124 -19.83 -3.85 -12.56
CA GLN A 124 -19.82 -3.86 -12.56
C GLN A 124 -19.02 -4.94 -11.85
C GLN A 124 -19.02 -4.94 -11.85
N VAL A 125 -19.66 -5.64 -10.92
CA VAL A 125 -19.08 -6.89 -10.35
C VAL A 125 -19.12 -7.93 -11.47
N ALA A 126 -17.97 -8.53 -11.73
CA ALA A 126 -17.85 -9.53 -12.81
C ALA A 126 -16.68 -10.46 -12.51
N PHE A 127 -16.62 -11.52 -13.29
CA PHE A 127 -15.52 -12.50 -13.38
C PHE A 127 -15.31 -13.16 -12.00
N MET A 128 -14.24 -12.82 -11.30
N MET A 128 -14.25 -12.82 -11.29
CA MET A 128 -13.90 -13.44 -9.99
CA MET A 128 -13.92 -13.46 -10.00
C MET A 128 -14.62 -12.73 -8.85
C MET A 128 -14.61 -12.72 -8.85
N GLY A 129 -15.34 -11.64 -9.14
CA GLY A 129 -16.06 -10.87 -8.10
C GLY A 129 -17.37 -11.51 -7.69
N GLY A 130 -17.94 -11.09 -6.56
CA GLY A 130 -19.31 -11.47 -6.15
C GLY A 130 -19.42 -12.96 -5.86
N GLY A 131 -18.33 -13.60 -5.48
CA GLY A 131 -18.30 -15.04 -5.19
C GLY A 131 -17.76 -15.85 -6.36
N GLY A 132 -17.71 -15.24 -7.54
CA GLY A 132 -17.15 -15.87 -8.75
C GLY A 132 -18.22 -16.35 -9.71
N ASP A 133 -18.08 -15.98 -10.98
CA ASP A 133 -18.91 -16.50 -12.09
C ASP A 133 -18.24 -17.79 -12.56
N MET A 134 -18.60 -18.92 -11.95
CA MET A 134 -17.82 -20.17 -12.11
C MET A 134 -17.89 -20.65 -13.57
N HIS A 135 -19.02 -20.52 -14.25
CA HIS A 135 -19.12 -20.92 -15.68
C HIS A 135 -18.16 -20.07 -16.52
N GLN A 136 -18.16 -18.75 -16.32
CA GLN A 136 -17.34 -17.84 -17.14
C GLN A 136 -15.86 -18.12 -16.86
N ILE A 137 -15.48 -18.30 -15.59
CA ILE A 137 -14.08 -18.57 -15.22
C ILE A 137 -13.65 -19.88 -15.88
N SER A 138 -14.46 -20.92 -15.77
CA SER A 138 -14.11 -22.25 -16.32
C SER A 138 -13.94 -22.13 -17.84
N ALA A 139 -14.90 -21.50 -18.53
CA ALA A 139 -14.84 -21.37 -20.01
C ALA A 139 -13.61 -20.55 -20.41
N THR A 140 -13.33 -19.45 -19.71
CA THR A 140 -12.19 -18.56 -20.02
C THR A 140 -10.91 -19.38 -19.92
N PHE A 141 -10.73 -20.13 -18.83
CA PHE A 141 -9.50 -20.94 -18.63
C PHE A 141 -9.39 -21.98 -19.74
N ASP A 142 -10.51 -22.57 -20.16
CA ASP A 142 -10.42 -23.65 -21.18
C ASP A 142 -10.06 -23.08 -22.57
N ARG A 143 -10.20 -21.77 -22.77
N ARG A 143 -10.21 -21.77 -22.77
CA ARG A 143 -9.89 -21.11 -24.07
CA ARG A 143 -9.90 -21.07 -24.05
C ARG A 143 -8.40 -20.75 -24.17
C ARG A 143 -8.39 -20.76 -24.16
N PHE A 144 -7.60 -20.92 -23.11
CA PHE A 144 -6.18 -20.48 -23.14
C PHE A 144 -5.40 -21.22 -24.23
N ASP A 145 -5.55 -22.55 -24.34
CA ASP A 145 -4.75 -23.33 -25.32
C ASP A 145 -4.92 -22.72 -26.72
N GLY A 146 -6.16 -22.41 -27.11
CA GLY A 146 -6.43 -21.87 -28.46
C GLY A 146 -5.75 -20.54 -28.67
N LEU A 147 -5.78 -19.68 -27.65
CA LEU A 147 -5.20 -18.32 -27.78
C LEU A 147 -3.67 -18.42 -27.78
N ILE A 148 -3.09 -19.31 -26.98
CA ILE A 148 -1.62 -19.51 -26.97
C ILE A 148 -1.18 -19.98 -28.36
N GLU A 149 -1.93 -20.90 -28.95
CA GLU A 149 -1.62 -21.45 -30.31
C GLU A 149 -1.70 -20.33 -31.34
N ALA A 150 -2.63 -19.37 -31.18
CA ALA A 150 -2.84 -18.26 -32.14
C ALA A 150 -1.72 -17.20 -32.04
N MET A 151 -1.02 -17.14 -30.91
CA MET A 151 0.09 -16.18 -30.69
C MET A 151 1.32 -16.64 -31.47
N THR A 152 2.00 -15.74 -32.17
CA THR A 152 3.24 -16.10 -32.92
C THR A 152 4.39 -16.26 -31.91
N GLU A 153 5.45 -16.97 -32.29
CA GLU A 153 6.65 -17.16 -31.43
C GLU A 153 7.28 -15.78 -31.17
N ASP A 154 7.30 -14.89 -32.16
CA ASP A 154 7.88 -13.53 -32.02
C ASP A 154 7.03 -12.71 -31.04
N GLU A 155 5.70 -12.76 -31.15
CA GLU A 155 4.78 -12.02 -30.25
C GLU A 155 4.99 -12.54 -28.82
N ALA A 156 5.03 -13.86 -28.65
CA ALA A 156 5.19 -14.51 -27.34
C ALA A 156 6.49 -14.00 -26.68
N ARG A 157 7.59 -14.01 -27.42
N ARG A 157 7.60 -14.02 -27.42
CA ARG A 157 8.92 -13.62 -26.89
CA ARG A 157 8.93 -13.62 -26.91
C ARG A 157 8.90 -12.15 -26.48
C ARG A 157 8.90 -12.15 -26.48
N ALA A 158 8.32 -11.27 -27.28
CA ALA A 158 8.31 -9.81 -27.00
C ALA A 158 7.43 -9.54 -25.77
N ILE A 159 6.27 -10.17 -25.70
CA ILE A 159 5.32 -9.91 -24.59
C ILE A 159 5.91 -10.51 -23.31
N ALA A 160 6.43 -11.72 -23.37
CA ALA A 160 7.03 -12.39 -22.19
C ALA A 160 8.20 -11.54 -21.67
N GLU A 161 9.09 -11.07 -22.53
CA GLU A 161 10.32 -10.41 -22.05
C GLU A 161 9.95 -9.12 -21.32
N TYR A 162 8.98 -8.36 -21.82
CA TYR A 162 8.57 -7.10 -21.17
C TYR A 162 7.87 -7.42 -19.84
N SER A 163 6.93 -8.36 -19.86
CA SER A 163 6.14 -8.77 -18.68
C SER A 163 7.09 -9.24 -17.57
N MET A 164 8.05 -10.06 -17.91
CA MET A 164 8.99 -10.64 -16.92
C MET A 164 10.01 -9.59 -16.49
N TRP A 165 10.38 -8.67 -17.38
CA TRP A 165 11.21 -7.49 -16.98
C TRP A 165 10.50 -6.72 -15.87
N ILE A 166 9.20 -6.49 -15.99
CA ILE A 166 8.49 -5.70 -14.95
C ILE A 166 8.61 -6.44 -13.61
N GLN A 167 8.55 -7.76 -13.60
CA GLN A 167 8.77 -8.50 -12.33
C GLN A 167 10.21 -8.26 -11.83
N LEU A 168 11.20 -8.43 -12.69
CA LEU A 168 12.62 -8.26 -12.30
C LEU A 168 12.86 -6.85 -11.76
N ARG A 169 12.31 -5.83 -12.43
CA ARG A 169 12.46 -4.40 -12.06
C ARG A 169 11.99 -4.19 -10.61
N GLY A 170 10.96 -4.93 -10.21
CA GLY A 170 10.40 -4.81 -8.84
C GLY A 170 11.07 -5.75 -7.87
N GLY A 171 12.21 -6.34 -8.22
CA GLY A 171 13.03 -7.12 -7.28
C GLY A 171 12.76 -8.62 -7.32
N VAL A 172 11.95 -9.10 -8.26
CA VAL A 172 11.72 -10.57 -8.39
C VAL A 172 12.90 -11.20 -9.12
N THR A 173 13.70 -11.97 -8.40
CA THR A 173 14.87 -12.67 -8.94
C THR A 173 14.50 -14.10 -9.31
N THR A 174 13.46 -14.68 -8.70
CA THR A 174 12.97 -16.03 -9.03
C THR A 174 11.46 -15.95 -9.25
N LEU A 175 11.01 -16.31 -10.44
CA LEU A 175 9.59 -16.16 -10.84
C LEU A 175 9.01 -17.54 -11.15
N GLY A 176 7.82 -17.82 -10.63
CA GLY A 176 7.11 -19.10 -10.84
C GLY A 176 5.87 -18.92 -11.68
N ASP A 177 5.85 -19.55 -12.85
CA ASP A 177 4.66 -19.61 -13.74
C ASP A 177 3.66 -20.62 -13.16
N MET A 178 2.46 -20.16 -12.83
CA MET A 178 1.36 -21.06 -12.41
C MET A 178 0.26 -21.08 -13.47
N GLY A 179 0.62 -20.81 -14.71
CA GLY A 179 -0.26 -21.00 -15.87
C GLY A 179 -0.45 -19.70 -16.61
N SER A 180 0.12 -19.57 -17.81
CA SER A 180 0.25 -18.28 -18.51
C SER A 180 -0.44 -18.36 -19.86
N LEU A 181 -0.96 -17.23 -20.31
CA LEU A 181 -1.40 -17.03 -21.72
C LEU A 181 -0.17 -16.61 -22.52
N ASN A 182 0.78 -17.51 -22.66
CA ASN A 182 2.02 -17.29 -23.42
C ASN A 182 2.61 -18.65 -23.72
N ARG A 183 3.60 -18.70 -24.60
CA ARG A 183 4.25 -19.95 -25.02
C ARG A 183 5.35 -20.28 -24.03
N PRO A 184 5.34 -21.47 -23.39
CA PRO A 184 6.35 -21.80 -22.38
C PRO A 184 7.80 -21.56 -22.85
N LEU A 185 8.16 -21.96 -24.06
CA LEU A 185 9.56 -21.82 -24.51
C LEU A 185 9.89 -20.34 -24.73
N ALA A 186 8.89 -19.51 -25.06
CA ALA A 186 9.10 -18.06 -25.20
C ALA A 186 9.44 -17.46 -23.83
N MET A 187 8.74 -17.89 -22.79
CA MET A 187 9.00 -17.38 -21.43
C MET A 187 10.37 -17.87 -20.94
N VAL A 188 10.73 -19.12 -21.25
CA VAL A 188 12.08 -19.63 -20.88
C VAL A 188 13.14 -18.76 -21.59
N GLU A 189 12.95 -18.47 -22.88
CA GLU A 189 13.92 -17.65 -23.64
C GLU A 189 14.00 -16.26 -23.01
N ALA A 190 12.86 -15.67 -22.65
CA ALA A 190 12.83 -14.35 -22.01
C ALA A 190 13.62 -14.39 -20.70
N ALA A 191 13.39 -15.39 -19.85
CA ALA A 191 14.16 -15.51 -18.58
C ALA A 191 15.65 -15.64 -18.87
N ARG A 192 16.04 -16.45 -19.85
CA ARG A 192 17.46 -16.63 -20.22
C ARG A 192 18.05 -15.26 -20.58
N ARG A 193 17.36 -14.50 -21.45
CA ARG A 193 17.80 -13.17 -21.94
C ARG A 193 17.89 -12.18 -20.76
N LEU A 194 16.93 -12.20 -19.83
CA LEU A 194 16.86 -11.19 -18.75
C LEU A 194 17.90 -11.47 -17.66
N GLY A 195 18.27 -12.74 -17.44
CA GLY A 195 19.25 -13.12 -16.40
C GLY A 195 18.59 -13.53 -15.09
N MET A 196 17.26 -13.58 -15.05
CA MET A 196 16.51 -13.95 -13.83
C MET A 196 16.30 -15.48 -13.78
N ARG A 197 15.79 -15.95 -12.64
CA ARG A 197 15.45 -17.38 -12.46
C ARG A 197 13.97 -17.56 -12.75
N PHE A 198 13.62 -18.70 -13.32
CA PHE A 198 12.24 -18.94 -13.79
C PHE A 198 11.90 -20.42 -13.62
N SER A 199 10.76 -20.68 -12.99
CA SER A 199 10.12 -22.00 -12.93
C SER A 199 8.99 -22.00 -13.98
N ALA A 200 9.27 -22.61 -15.13
CA ALA A 200 8.35 -22.62 -16.29
C ALA A 200 7.25 -23.66 -16.09
N SER A 201 6.12 -23.43 -16.74
CA SER A 201 5.03 -24.42 -16.72
C SER A 201 4.36 -24.47 -18.09
N THR A 202 3.34 -25.32 -18.20
CA THR A 202 2.50 -25.43 -19.39
C THR A 202 1.04 -25.28 -18.97
N TRP A 203 0.19 -24.92 -19.92
CA TRP A 203 -1.24 -24.75 -19.64
C TRP A 203 -1.92 -26.11 -19.54
N ALA A 204 -2.70 -26.32 -18.48
CA ALA A 204 -3.39 -27.60 -18.20
C ALA A 204 -4.85 -27.34 -17.85
N SER A 205 -5.74 -27.57 -18.81
CA SER A 205 -7.21 -27.52 -18.63
C SER A 205 -7.79 -28.68 -19.43
N ASP A 206 -8.42 -29.66 -18.79
CA ASP A 206 -9.02 -30.78 -19.56
C ASP A 206 -10.51 -30.95 -19.27
N ALA A 207 -11.13 -29.99 -18.60
CA ALA A 207 -12.58 -30.05 -18.32
C ALA A 207 -13.13 -28.63 -18.31
N VAL A 208 -14.41 -28.49 -18.63
CA VAL A 208 -15.11 -27.19 -18.53
C VAL A 208 -16.46 -27.43 -17.83
N LEU A 209 -16.87 -26.45 -17.04
CA LEU A 209 -18.19 -26.44 -16.37
C LEU A 209 -19.12 -25.56 -17.20
N ALA A 210 -20.05 -26.18 -17.92
CA ALA A 210 -20.91 -25.51 -18.91
C ALA A 210 -22.30 -25.33 -18.32
N PRO A 211 -22.94 -24.15 -18.52
CA PRO A 211 -24.28 -23.90 -17.99
C PRO A 211 -25.37 -24.91 -18.40
N ASP A 212 -25.20 -25.58 -19.53
CA ASP A 212 -26.25 -26.46 -20.12
C ASP A 212 -25.99 -27.94 -19.74
N ARG A 213 -25.15 -28.19 -18.73
CA ARG A 213 -24.76 -29.56 -18.33
C ARG A 213 -24.82 -29.71 -16.81
N SER A 214 -25.07 -30.94 -16.34
CA SER A 214 -25.14 -31.34 -14.91
C SER A 214 -23.79 -31.92 -14.46
N ARG A 215 -22.87 -32.22 -15.40
CA ARG A 215 -21.54 -32.77 -15.04
C ARG A 215 -20.46 -32.10 -15.90
N PHE A 216 -19.21 -32.21 -15.46
CA PHE A 216 -18.07 -31.62 -16.19
C PHE A 216 -18.07 -32.19 -17.61
N LEU A 217 -17.59 -31.38 -18.55
CA LEU A 217 -17.37 -31.79 -19.95
C LEU A 217 -15.86 -31.95 -20.14
N ARG A 218 -15.40 -33.13 -20.55
CA ARG A 218 -13.98 -33.37 -20.88
C ARG A 218 -13.65 -32.64 -22.18
N THR A 219 -12.63 -31.79 -22.19
CA THR A 219 -12.29 -30.92 -23.35
C THR A 219 -11.05 -31.42 -24.07
N ARG A 220 -10.21 -32.21 -23.42
CA ARG A 220 -9.00 -32.79 -24.06
C ARG A 220 -8.52 -33.93 -23.18
N ASP A 221 -7.59 -34.75 -23.67
CA ASP A 221 -7.20 -35.99 -22.96
C ASP A 221 -6.03 -35.71 -22.02
N ALA A 222 -6.19 -36.14 -20.77
CA ALA A 222 -5.20 -35.95 -19.70
C ALA A 222 -3.80 -36.33 -20.19
N ASP A 223 -3.65 -37.46 -20.87
CA ASP A 223 -2.30 -37.94 -21.24
C ASP A 223 -1.63 -36.96 -22.21
N THR A 224 -2.41 -36.30 -23.07
CA THR A 224 -1.89 -35.31 -24.04
C THR A 224 -1.47 -34.05 -23.28
N VAL A 225 -2.26 -33.64 -22.29
CA VAL A 225 -1.94 -32.46 -21.46
C VAL A 225 -0.64 -32.74 -20.70
N LEU A 226 -0.50 -33.93 -20.15
CA LEU A 226 0.73 -34.31 -19.40
C LEU A 226 1.92 -34.38 -20.36
N ALA A 227 1.73 -34.89 -21.56
CA ALA A 227 2.80 -34.95 -22.59
C ALA A 227 3.30 -33.53 -22.90
N SER A 228 2.43 -32.53 -22.94
CA SER A 228 2.83 -31.13 -23.19
C SER A 228 3.81 -30.69 -22.10
N PHE A 229 3.53 -31.02 -20.85
CA PHE A 229 4.45 -30.66 -19.74
C PHE A 229 5.76 -31.46 -19.89
N GLU A 230 5.68 -32.76 -20.19
CA GLU A 230 6.89 -33.59 -20.32
C GLU A 230 7.79 -33.03 -21.43
N ALA A 231 7.22 -32.48 -22.50
CA ALA A 231 7.99 -31.86 -23.60
C ALA A 231 8.74 -30.64 -23.07
N LEU A 232 8.11 -29.82 -22.23
CA LEU A 232 8.80 -28.65 -21.64
C LEU A 232 9.93 -29.15 -20.74
N LEU A 233 9.65 -30.12 -19.89
CA LEU A 233 10.67 -30.68 -18.96
C LEU A 233 11.87 -31.16 -19.77
N GLY A 234 11.63 -31.85 -20.88
CA GLY A 234 12.70 -32.32 -21.78
C GLY A 234 13.52 -31.17 -22.32
N ALA A 235 12.87 -30.05 -22.67
CA ALA A 235 13.51 -28.87 -23.28
C ALA A 235 14.45 -28.17 -22.28
N VAL A 236 14.09 -28.14 -20.99
CA VAL A 236 14.86 -27.34 -19.97
C VAL A 236 15.75 -28.25 -19.12
N ALA A 237 15.69 -29.57 -19.29
CA ALA A 237 16.49 -30.56 -18.52
C ALA A 237 17.98 -30.24 -18.67
N ALA A 238 18.40 -29.82 -19.86
CA ALA A 238 19.82 -29.63 -20.22
C ALA A 238 20.28 -28.20 -19.95
N ASP A 239 19.51 -27.41 -19.19
N ASP A 239 19.52 -27.41 -19.19
CA ASP A 239 19.85 -26.02 -18.76
CA ASP A 239 19.89 -26.00 -18.90
C ASP A 239 21.12 -26.03 -17.92
C ASP A 239 21.09 -25.99 -17.96
N PRO A 240 22.22 -25.37 -18.37
CA PRO A 240 23.44 -25.31 -17.57
C PRO A 240 23.55 -24.07 -16.66
N THR A 241 22.62 -23.11 -16.77
CA THR A 241 22.70 -21.78 -16.11
C THR A 241 22.36 -21.90 -14.62
N GLY A 242 21.59 -22.92 -14.23
CA GLY A 242 21.00 -23.05 -12.88
C GLY A 242 19.84 -22.09 -12.68
N ARG A 243 19.40 -21.41 -13.73
N ARG A 243 19.40 -21.41 -13.73
CA ARG A 243 18.36 -20.36 -13.61
CA ARG A 243 18.36 -20.35 -13.62
C ARG A 243 17.01 -20.85 -14.14
C ARG A 243 17.01 -20.84 -14.14
N ILE A 244 16.93 -22.02 -14.76
CA ILE A 244 15.65 -22.50 -15.38
C ILE A 244 15.25 -23.82 -14.75
N ARG A 245 14.06 -23.85 -14.17
CA ARG A 245 13.41 -25.09 -13.69
C ARG A 245 12.01 -25.15 -14.28
N CYS A 246 11.28 -26.20 -13.95
CA CYS A 246 9.86 -26.27 -14.33
C CYS A 246 9.05 -26.96 -13.24
N ARG A 247 7.77 -26.67 -13.27
CA ARG A 247 6.81 -27.20 -12.30
C ARG A 247 5.48 -27.34 -13.02
N PRO A 248 4.88 -28.54 -13.02
CA PRO A 248 3.58 -28.71 -13.63
C PRO A 248 2.52 -28.02 -12.76
N ASN A 249 1.50 -27.50 -13.42
CA ASN A 249 0.33 -26.94 -12.72
C ASN A 249 -0.93 -27.49 -13.36
N VAL A 250 -2.01 -27.46 -12.59
CA VAL A 250 -3.38 -27.54 -13.13
C VAL A 250 -3.96 -26.14 -13.04
N SER A 251 -4.53 -25.62 -14.12
CA SER A 251 -5.11 -24.26 -14.22
C SER A 251 -5.95 -23.96 -12.98
N TYR A 252 -6.93 -24.81 -12.72
CA TYR A 252 -7.92 -24.60 -11.65
C TYR A 252 -8.66 -25.92 -11.50
N VAL A 253 -8.99 -26.29 -10.27
CA VAL A 253 -9.58 -27.62 -9.99
C VAL A 253 -10.91 -27.78 -10.73
N THR A 254 -11.61 -26.70 -11.09
CA THR A 254 -12.85 -26.80 -11.91
C THR A 254 -12.58 -27.49 -13.25
N ASN A 255 -11.39 -27.26 -13.81
CA ASN A 255 -11.01 -27.63 -15.18
C ASN A 255 -10.06 -28.83 -15.14
N MET A 256 -10.25 -29.70 -14.16
CA MET A 256 -9.32 -30.81 -13.84
C MET A 256 -10.11 -32.10 -13.70
N THR A 257 -9.89 -33.06 -14.59
CA THR A 257 -10.47 -34.42 -14.47
C THR A 257 -9.67 -35.20 -13.42
N ASP A 258 -10.27 -36.26 -12.89
CA ASP A 258 -9.58 -37.18 -11.98
C ASP A 258 -8.36 -37.79 -12.70
N GLU A 259 -8.46 -38.02 -14.00
CA GLU A 259 -7.36 -38.63 -14.78
C GLU A 259 -6.19 -37.64 -14.84
N LEU A 260 -6.46 -36.35 -15.04
CA LEU A 260 -5.38 -35.33 -15.05
C LEU A 260 -4.74 -35.27 -13.66
N ALA A 261 -5.54 -35.26 -12.60
CA ALA A 261 -5.01 -35.18 -11.21
C ALA A 261 -4.10 -36.37 -10.94
N ARG A 262 -4.55 -37.58 -11.23
CA ARG A 262 -3.73 -38.79 -10.95
C ARG A 262 -2.48 -38.76 -11.83
N GLY A 263 -2.60 -38.32 -13.09
CA GLY A 263 -1.44 -38.23 -13.98
C GLY A 263 -0.42 -37.23 -13.47
N MET A 264 -0.87 -36.11 -12.93
CA MET A 264 0.04 -35.09 -12.34
C MET A 264 0.76 -35.71 -11.14
N ALA A 265 0.05 -36.43 -10.29
CA ALA A 265 0.66 -37.07 -9.10
C ALA A 265 1.76 -38.03 -9.54
N GLU A 266 1.49 -38.85 -10.56
CA GLU A 266 2.48 -39.83 -11.06
C GLU A 266 3.71 -39.08 -11.61
N LEU A 267 3.47 -38.00 -12.35
N LEU A 267 3.47 -38.00 -12.35
CA LEU A 267 4.53 -37.23 -13.03
CA LEU A 267 4.49 -37.17 -13.05
C LEU A 267 5.46 -36.57 -11.99
C LEU A 267 5.44 -36.56 -12.00
N VAL A 268 4.89 -35.95 -10.95
CA VAL A 268 5.73 -35.21 -9.97
C VAL A 268 6.48 -36.21 -9.09
N GLU A 269 5.92 -37.39 -8.83
CA GLU A 269 6.66 -38.46 -8.09
C GLU A 269 7.83 -38.94 -8.96
N ARG A 270 7.57 -39.23 -10.24
CA ARG A 270 8.58 -39.85 -11.13
C ARG A 270 9.76 -38.89 -11.30
N HIS A 271 9.49 -37.59 -11.49
CA HIS A 271 10.52 -36.58 -11.84
C HIS A 271 10.99 -35.81 -10.60
N ASP A 272 10.40 -36.09 -9.43
CA ASP A 272 10.70 -35.40 -8.15
C ASP A 272 10.54 -33.89 -8.34
N LEU A 273 9.32 -33.47 -8.65
CA LEU A 273 9.00 -32.05 -8.95
C LEU A 273 8.04 -31.51 -7.90
N PRO A 274 7.99 -30.17 -7.77
CA PRO A 274 6.87 -29.52 -7.09
C PRO A 274 5.63 -29.59 -7.98
N PHE A 275 4.48 -29.23 -7.43
CA PHE A 275 3.20 -29.21 -8.13
C PHE A 275 2.43 -27.97 -7.71
N ALA A 276 1.70 -27.35 -8.60
CA ALA A 276 0.91 -26.14 -8.25
C ALA A 276 -0.49 -26.22 -8.85
N THR A 277 -1.45 -25.66 -8.15
CA THR A 277 -2.79 -25.42 -8.72
C THR A 277 -3.47 -24.30 -7.94
N HIS A 278 -4.64 -23.92 -8.40
CA HIS A 278 -5.54 -23.00 -7.70
C HIS A 278 -6.71 -23.80 -7.14
N VAL A 279 -7.04 -23.57 -5.88
CA VAL A 279 -8.10 -24.35 -5.20
C VAL A 279 -8.62 -23.52 -4.04
N GLY A 280 -9.91 -23.69 -3.72
CA GLY A 280 -10.56 -22.94 -2.63
C GLY A 280 -10.40 -21.44 -2.84
N ALA A 281 -10.48 -20.98 -4.07
CA ALA A 281 -10.19 -19.57 -4.43
C ALA A 281 -11.41 -18.67 -4.27
N LEU A 282 -12.62 -19.21 -4.39
CA LEU A 282 -13.85 -18.39 -4.53
C LEU A 282 -14.98 -18.98 -3.70
N ARG A 283 -15.84 -18.11 -3.21
CA ARG A 283 -17.04 -18.52 -2.45
C ARG A 283 -17.85 -19.54 -3.26
N ASN A 284 -18.04 -19.31 -4.56
CA ASN A 284 -18.98 -20.15 -5.37
C ASN A 284 -18.30 -21.44 -5.84
N GLU A 285 -17.02 -21.65 -5.54
CA GLU A 285 -16.28 -22.81 -6.08
C GLU A 285 -16.86 -24.12 -5.54
N ALA A 286 -17.07 -24.23 -4.24
CA ALA A 286 -17.43 -25.51 -3.59
C ALA A 286 -18.73 -26.04 -4.20
N ASP A 287 -19.75 -25.20 -4.37
CA ASP A 287 -21.06 -25.65 -4.90
C ASP A 287 -20.88 -26.10 -6.35
N ALA A 288 -20.09 -25.38 -7.15
CA ALA A 288 -19.85 -25.75 -8.57
C ALA A 288 -19.10 -27.08 -8.62
N MET A 289 -18.12 -27.26 -7.75
CA MET A 289 -17.30 -28.50 -7.71
C MET A 289 -18.21 -29.68 -7.35
N ARG A 290 -19.07 -29.54 -6.34
N ARG A 290 -19.07 -29.54 -6.34
CA ARG A 290 -20.02 -30.61 -5.94
CA ARG A 290 -20.02 -30.61 -5.95
C ARG A 290 -20.97 -30.91 -7.10
C ARG A 290 -20.98 -30.91 -7.11
N ALA A 291 -21.50 -29.88 -7.79
CA ALA A 291 -22.50 -30.05 -8.87
C ALA A 291 -21.88 -30.74 -10.09
N TYR A 292 -20.63 -30.44 -10.43
CA TYR A 292 -20.03 -30.88 -11.72
C TYR A 292 -19.05 -32.05 -11.54
N HIS A 293 -18.43 -32.17 -10.37
CA HIS A 293 -17.38 -33.20 -10.10
C HIS A 293 -17.77 -34.10 -8.92
N GLY A 294 -18.78 -33.76 -8.15
CA GLY A 294 -19.25 -34.58 -7.01
C GLY A 294 -18.42 -34.38 -5.76
N GLU A 295 -17.44 -33.48 -5.76
CA GLU A 295 -16.51 -33.33 -4.61
C GLU A 295 -15.80 -31.99 -4.73
N THR A 296 -15.42 -31.40 -3.60
CA THR A 296 -14.73 -30.09 -3.55
C THR A 296 -13.24 -30.25 -3.90
N GLY A 297 -12.57 -29.14 -4.13
CA GLY A 297 -11.22 -29.11 -4.72
C GLY A 297 -10.18 -29.85 -3.91
N VAL A 298 -10.01 -29.50 -2.64
CA VAL A 298 -8.90 -30.10 -1.84
C VAL A 298 -9.16 -31.60 -1.68
N ARG A 299 -10.41 -32.02 -1.46
CA ARG A 299 -10.70 -33.48 -1.36
C ARG A 299 -10.40 -34.18 -2.69
N ARG A 300 -10.69 -33.57 -3.84
CA ARG A 300 -10.34 -34.18 -5.15
C ARG A 300 -8.81 -34.29 -5.29
N LEU A 301 -8.09 -33.23 -4.91
CA LEU A 301 -6.60 -33.27 -4.98
C LEU A 301 -6.09 -34.38 -4.04
N ALA A 302 -6.67 -34.48 -2.84
CA ALA A 302 -6.22 -35.45 -1.82
C ALA A 302 -6.43 -36.86 -2.37
N GLU A 303 -7.56 -37.12 -3.00
CA GLU A 303 -7.90 -38.47 -3.55
C GLU A 303 -6.84 -38.85 -4.60
N ALA A 304 -6.31 -37.88 -5.34
CA ALA A 304 -5.32 -38.10 -6.41
C ALA A 304 -3.90 -38.23 -5.84
N GLY A 305 -3.69 -37.96 -4.56
CA GLY A 305 -2.35 -38.01 -3.93
C GLY A 305 -1.59 -36.71 -4.08
N LEU A 306 -2.28 -35.60 -4.33
CA LEU A 306 -1.63 -34.30 -4.60
C LEU A 306 -1.57 -33.40 -3.37
N VAL A 307 -2.22 -33.75 -2.25
CA VAL A 307 -2.15 -32.87 -1.05
C VAL A 307 -1.01 -33.39 -0.19
N ASP A 308 0.18 -32.89 -0.48
CA ASP A 308 1.45 -33.32 0.17
C ASP A 308 2.42 -32.13 0.14
N GLU A 309 3.66 -32.38 0.54
CA GLU A 309 4.66 -31.29 0.68
C GLU A 309 4.96 -30.64 -0.68
N ARG A 310 4.66 -31.30 -1.80
CA ARG A 310 5.02 -30.75 -3.14
C ARG A 310 4.01 -29.68 -3.57
N LEU A 311 2.83 -29.65 -2.97
CA LEU A 311 1.70 -28.80 -3.44
C LEU A 311 1.91 -27.34 -3.03
N MET A 312 1.87 -26.45 -4.00
CA MET A 312 1.60 -25.01 -3.79
C MET A 312 0.18 -24.74 -4.26
N ALA A 313 -0.70 -24.43 -3.32
CA ALA A 313 -2.11 -24.14 -3.58
C ALA A 313 -2.30 -22.62 -3.61
N GLY A 314 -2.70 -22.09 -4.76
CA GLY A 314 -3.04 -20.67 -4.89
C GLY A 314 -4.35 -20.37 -4.19
N HIS A 315 -4.31 -19.35 -3.32
CA HIS A 315 -5.49 -18.75 -2.62
C HIS A 315 -5.92 -19.63 -1.45
N SER A 316 -6.57 -20.76 -1.72
CA SER A 316 -6.77 -21.86 -0.74
C SER A 316 -7.42 -21.33 0.55
N ALA A 317 -8.45 -20.51 0.42
CA ALA A 317 -9.15 -19.90 1.58
C ALA A 317 -10.51 -20.55 1.82
N PHE A 318 -11.18 -21.02 0.78
CA PHE A 318 -12.54 -21.57 0.92
C PHE A 318 -12.43 -23.08 1.14
N LEU A 319 -11.93 -23.44 2.32
CA LEU A 319 -11.69 -24.83 2.74
C LEU A 319 -12.52 -25.08 3.99
N ASP A 320 -13.24 -26.19 4.05
CA ASP A 320 -13.92 -26.61 5.30
C ASP A 320 -12.89 -27.22 6.26
N ASP A 321 -13.34 -27.63 7.43
CA ASP A 321 -12.42 -28.10 8.50
C ASP A 321 -11.66 -29.33 8.01
N GLN A 322 -12.33 -30.25 7.32
CA GLN A 322 -11.66 -31.49 6.85
C GLN A 322 -10.56 -31.11 5.86
N GLU A 323 -10.82 -30.17 4.96
CA GLU A 323 -9.83 -29.77 3.94
C GLU A 323 -8.67 -29.04 4.62
N GLN A 324 -8.94 -28.23 5.63
CA GLN A 324 -7.85 -27.58 6.40
C GLN A 324 -6.96 -28.64 7.03
N LYS A 325 -7.57 -29.68 7.60
CA LYS A 325 -6.80 -30.77 8.24
C LYS A 325 -5.99 -31.53 7.18
N LEU A 326 -6.54 -31.73 5.98
CA LEU A 326 -5.78 -32.42 4.90
C LEU A 326 -4.55 -31.60 4.54
N MET A 327 -4.69 -30.29 4.45
CA MET A 327 -3.53 -29.41 4.08
C MET A 327 -2.47 -29.51 5.18
N LEU A 328 -2.88 -29.42 6.45
N LEU A 328 -2.88 -29.42 6.45
CA LEU A 328 -1.93 -29.46 7.59
CA LEU A 328 -1.93 -29.44 7.59
C LEU A 328 -1.26 -30.82 7.66
C LEU A 328 -1.27 -30.82 7.67
N ALA A 329 -2.04 -31.90 7.51
CA ALA A 329 -1.51 -33.27 7.62
C ALA A 329 -0.51 -33.51 6.49
N GLY A 330 -0.79 -32.96 5.30
CA GLY A 330 0.07 -33.16 4.11
C GLY A 330 1.26 -32.20 4.10
N ARG A 331 1.29 -31.22 5.00
N ARG A 331 1.28 -31.22 4.99
CA ARG A 331 2.33 -30.16 5.01
CA ARG A 331 2.30 -30.14 5.02
C ARG A 331 2.37 -29.49 3.64
C ARG A 331 2.37 -29.48 3.63
N ALA A 332 1.20 -29.26 3.03
CA ALA A 332 1.06 -28.51 1.77
C ALA A 332 1.32 -27.03 2.02
N HIS A 333 1.40 -26.28 0.94
CA HIS A 333 1.83 -24.87 0.96
C HIS A 333 0.72 -24.03 0.36
N ILE A 334 0.45 -22.86 0.94
CA ILE A 334 -0.50 -21.91 0.36
C ILE A 334 0.26 -20.68 -0.10
N SER A 335 -0.01 -20.25 -1.33
CA SER A 335 0.46 -18.94 -1.84
C SER A 335 -0.73 -18.00 -1.82
N HIS A 336 -0.59 -16.89 -1.11
CA HIS A 336 -1.69 -15.93 -0.87
C HIS A 336 -1.35 -14.62 -1.55
N SER A 337 -2.35 -13.95 -2.10
CA SER A 337 -2.15 -12.72 -2.90
C SER A 337 -3.00 -11.58 -2.37
N PRO A 338 -2.82 -11.16 -1.09
CA PRO A 338 -3.72 -10.17 -0.48
C PRO A 338 -3.61 -8.76 -1.05
N GLY A 339 -2.59 -8.46 -1.85
CA GLY A 339 -2.46 -7.15 -2.51
C GLY A 339 -3.50 -6.97 -3.60
N LYS A 340 -4.08 -8.05 -4.15
CA LYS A 340 -4.89 -7.91 -5.38
C LYS A 340 -6.31 -8.46 -5.23
N TYR A 341 -6.73 -8.97 -4.08
CA TYR A 341 -8.08 -9.55 -3.97
C TYR A 341 -9.16 -8.49 -4.18
N GLY A 342 -9.05 -7.36 -3.49
CA GLY A 342 -10.14 -6.37 -3.54
C GLY A 342 -10.44 -5.90 -4.96
N PRO A 343 -9.44 -5.46 -5.74
CA PRO A 343 -9.71 -5.01 -7.11
C PRO A 343 -10.28 -6.06 -8.06
N SER A 344 -10.15 -7.34 -7.72
N SER A 344 -10.15 -7.34 -7.73
CA SER A 344 -10.77 -8.47 -8.46
CA SER A 344 -10.78 -8.47 -8.47
C SER A 344 -12.14 -8.83 -7.88
C SER A 344 -12.14 -8.84 -7.87
N GLY A 345 -12.52 -8.24 -6.75
CA GLY A 345 -13.76 -8.62 -6.02
C GLY A 345 -13.64 -9.98 -5.37
N GLU A 346 -12.42 -10.46 -5.15
N GLU A 346 -12.42 -10.46 -5.16
CA GLU A 346 -12.16 -11.73 -4.43
CA GLU A 346 -12.17 -11.72 -4.44
C GLU A 346 -12.26 -11.46 -2.93
C GLU A 346 -12.27 -11.46 -2.94
N SER A 347 -12.48 -12.52 -2.15
CA SER A 347 -12.69 -12.40 -0.69
C SER A 347 -11.90 -13.49 0.01
N ALA A 348 -10.71 -13.79 -0.50
CA ALA A 348 -9.89 -14.94 -0.07
C ALA A 348 -9.05 -14.59 1.16
N LEU A 349 -9.27 -13.44 1.79
CA LEU A 349 -8.63 -13.16 3.10
C LEU A 349 -9.66 -13.20 4.23
N THR A 350 -10.67 -12.34 4.19
CA THR A 350 -11.50 -12.04 5.38
C THR A 350 -12.76 -12.87 5.42
N GLU A 351 -13.30 -13.32 4.30
CA GLU A 351 -14.62 -13.98 4.32
C GLU A 351 -14.54 -15.27 5.13
N THR A 352 -13.42 -15.98 5.07
CA THR A 352 -13.24 -17.23 5.86
C THR A 352 -12.13 -17.10 6.90
N GLY A 353 -11.14 -16.25 6.68
CA GLY A 353 -9.99 -16.13 7.61
C GLY A 353 -9.14 -17.37 7.64
N VAL A 354 -9.31 -18.30 6.70
CA VAL A 354 -8.65 -19.63 6.77
C VAL A 354 -7.15 -19.48 6.56
N VAL A 355 -6.70 -18.62 5.65
CA VAL A 355 -5.25 -18.63 5.34
C VAL A 355 -4.46 -18.11 6.55
N PRO A 356 -4.81 -16.98 7.18
CA PRO A 356 -4.09 -16.59 8.39
C PRO A 356 -4.20 -17.66 9.50
N ALA A 357 -5.34 -18.32 9.64
CA ALA A 357 -5.50 -19.37 10.67
C ALA A 357 -4.55 -20.55 10.40
N LEU A 358 -4.46 -20.99 9.15
CA LEU A 358 -3.56 -22.13 8.83
C LEU A 358 -2.10 -21.70 9.03
N ARG A 359 -1.78 -20.45 8.71
CA ARG A 359 -0.40 -19.93 8.96
C ARG A 359 -0.12 -19.96 10.47
N ARG A 360 -1.07 -19.53 11.31
CA ARG A 360 -0.85 -19.56 12.77
C ARG A 360 -0.65 -21.01 13.23
N ALA A 361 -1.31 -21.96 12.58
CA ALA A 361 -1.21 -23.40 12.91
C ALA A 361 0.13 -23.98 12.43
N GLY A 362 0.91 -23.23 11.65
CA GLY A 362 2.26 -23.61 11.24
C GLY A 362 2.31 -24.15 9.82
N LEU A 363 1.23 -24.04 9.04
CA LEU A 363 1.31 -24.31 7.60
C LEU A 363 2.23 -23.28 6.94
N ASP A 364 3.01 -23.71 5.96
CA ASP A 364 3.83 -22.76 5.16
C ASP A 364 2.90 -21.94 4.27
N VAL A 365 2.95 -20.62 4.43
CA VAL A 365 2.14 -19.65 3.66
C VAL A 365 3.09 -18.58 3.14
N SER A 366 3.11 -18.43 1.82
CA SER A 366 3.93 -17.40 1.15
C SER A 366 3.03 -16.34 0.51
N LEU A 367 3.65 -15.25 0.06
CA LEU A 367 2.96 -14.12 -0.58
C LEU A 367 3.37 -14.07 -2.04
N SER A 368 2.40 -13.84 -2.91
CA SER A 368 2.61 -13.78 -4.36
C SER A 368 1.74 -12.71 -4.97
N THR A 369 2.03 -12.36 -6.22
CA THR A 369 1.32 -11.23 -6.88
C THR A 369 0.11 -11.71 -7.64
N ASP A 370 0.06 -12.98 -8.05
CA ASP A 370 -0.98 -13.40 -9.01
C ASP A 370 -0.66 -12.54 -10.23
N ALA A 371 -1.60 -12.22 -11.08
CA ALA A 371 -1.22 -11.35 -12.21
C ALA A 371 -2.47 -10.85 -12.89
N ALA A 372 -2.26 -9.85 -13.70
CA ALA A 372 -3.30 -9.34 -14.60
C ALA A 372 -2.62 -8.98 -15.90
N ALA A 373 -3.35 -8.29 -16.75
CA ALA A 373 -2.90 -7.98 -18.12
C ALA A 373 -2.18 -6.63 -18.16
N LEU A 374 -2.29 -5.82 -17.11
CA LEU A 374 -1.53 -4.55 -16.94
C LEU A 374 -0.85 -4.62 -15.59
N PRO A 375 0.21 -3.83 -15.34
CA PRO A 375 0.88 -3.81 -14.05
C PRO A 375 -0.08 -3.63 -12.87
N GLY A 376 0.06 -4.51 -11.88
CA GLY A 376 -0.66 -4.42 -10.61
C GLY A 376 0.30 -4.54 -9.45
N ALA A 377 -0.21 -4.83 -8.27
CA ALA A 377 0.61 -4.96 -7.04
C ALA A 377 1.78 -5.91 -7.31
N GLY A 378 2.98 -5.48 -6.98
CA GLY A 378 4.17 -6.34 -7.00
C GLY A 378 4.40 -6.99 -5.65
N ILE A 379 5.51 -7.68 -5.49
CA ILE A 379 5.84 -8.33 -4.19
C ILE A 379 5.92 -7.27 -3.09
N ALA A 380 6.54 -6.13 -3.32
CA ALA A 380 6.68 -5.12 -2.26
C ALA A 380 5.29 -4.67 -1.78
N GLU A 381 4.38 -4.45 -2.71
CA GLU A 381 2.99 -4.03 -2.39
C GLU A 381 2.28 -5.16 -1.64
N THR A 382 2.54 -6.40 -2.02
CA THR A 382 1.89 -7.58 -1.39
C THR A 382 2.40 -7.73 0.04
N MET A 383 3.69 -7.49 0.28
N MET A 383 3.69 -7.49 0.28
CA MET A 383 4.26 -7.53 1.65
CA MET A 383 4.25 -7.52 1.65
C MET A 383 3.55 -6.49 2.52
C MET A 383 3.55 -6.49 2.52
N ARG A 384 3.39 -5.27 2.02
CA ARG A 384 2.66 -4.23 2.80
C ARG A 384 1.25 -4.73 3.11
N ALA A 385 0.55 -5.25 2.11
CA ALA A 385 -0.85 -5.71 2.27
C ALA A 385 -0.93 -6.76 3.36
N ALA A 386 -0.05 -7.74 3.38
CA ALA A 386 -0.13 -8.82 4.40
C ALA A 386 0.10 -8.22 5.78
N TRP A 387 1.08 -7.33 5.91
CA TRP A 387 1.44 -6.70 7.18
C TRP A 387 0.24 -5.92 7.71
N GLN A 388 -0.40 -5.13 6.87
CA GLN A 388 -1.59 -4.36 7.29
C GLN A 388 -2.73 -5.32 7.61
N MET A 389 -3.03 -6.22 6.68
CA MET A 389 -4.34 -6.89 6.66
C MET A 389 -4.37 -8.05 7.64
N TYR A 390 -3.32 -8.86 7.71
CA TYR A 390 -3.34 -10.01 8.65
C TYR A 390 -3.40 -9.46 10.08
N ASN A 391 -2.64 -8.40 10.33
CA ASN A 391 -2.51 -7.83 11.69
C ASN A 391 -3.82 -7.17 12.11
N GLU A 392 -4.49 -6.46 11.20
CA GLU A 392 -5.77 -5.80 11.54
C GLU A 392 -6.82 -6.87 11.85
N MET A 393 -6.84 -7.96 11.10
N MET A 393 -6.83 -7.96 11.09
CA MET A 393 -7.87 -8.99 11.27
CA MET A 393 -7.88 -8.99 11.25
C MET A 393 -7.80 -9.59 12.68
C MET A 393 -7.80 -9.61 12.65
N SER A 394 -6.59 -9.75 13.20
N SER A 394 -6.59 -9.74 13.19
CA SER A 394 -6.33 -10.42 14.50
CA SER A 394 -6.31 -10.41 14.49
C SER A 394 -6.11 -9.41 15.63
C SER A 394 -6.11 -9.41 15.63
N ALA A 395 -6.19 -8.11 15.37
CA ALA A 395 -5.89 -7.07 16.37
C ALA A 395 -4.51 -7.38 16.98
N ASP A 396 -3.54 -7.66 16.13
CA ASP A 396 -2.24 -8.17 16.61
C ASP A 396 -1.15 -7.66 15.66
N GLN A 397 -0.39 -6.66 16.12
CA GLN A 397 0.67 -6.07 15.28
C GLN A 397 1.88 -7.02 15.20
N THR A 398 1.82 -8.19 15.83
CA THR A 398 2.94 -9.16 15.80
C THR A 398 2.59 -10.40 14.96
N GLU A 399 1.40 -10.48 14.37
CA GLU A 399 1.03 -11.74 13.68
C GLU A 399 1.89 -11.88 12.42
N VAL A 400 1.94 -10.83 11.61
CA VAL A 400 2.89 -10.69 10.49
C VAL A 400 3.79 -9.52 10.83
N LEU A 401 4.99 -9.81 11.32
CA LEU A 401 6.02 -8.77 11.48
C LEU A 401 6.53 -8.39 10.10
N PRO A 402 7.11 -7.19 9.89
CA PRO A 402 7.72 -6.89 8.60
C PRO A 402 8.69 -7.99 8.14
N THR A 403 9.50 -8.53 9.05
CA THR A 403 10.45 -9.61 8.65
C THR A 403 9.69 -10.87 8.25
N ASP A 404 8.49 -11.12 8.80
CA ASP A 404 7.66 -12.25 8.34
C ASP A 404 7.19 -12.00 6.91
N ALA A 405 6.72 -10.80 6.61
CA ALA A 405 6.26 -10.48 5.25
C ALA A 405 7.43 -10.69 4.28
N LEU A 406 8.63 -10.30 4.68
CA LEU A 406 9.81 -10.55 3.82
C LEU A 406 10.05 -12.06 3.65
N ALA A 407 10.04 -12.83 4.73
CA ALA A 407 10.24 -14.29 4.66
C ALA A 407 9.19 -14.89 3.72
N MET A 408 7.96 -14.40 3.80
CA MET A 408 6.83 -14.95 3.01
C MET A 408 7.05 -14.69 1.51
N ALA A 409 7.84 -13.67 1.17
CA ALA A 409 8.12 -13.27 -0.22
C ALA A 409 9.50 -13.73 -0.68
N THR A 410 10.23 -14.48 0.15
CA THR A 410 11.62 -14.91 -0.16
C THR A 410 11.74 -16.38 0.22
N ARG A 411 12.19 -16.67 1.43
CA ARG A 411 12.57 -18.03 1.85
C ARG A 411 11.36 -18.96 1.80
N ILE A 412 10.23 -18.54 2.33
CA ILE A 412 9.08 -19.47 2.46
C ILE A 412 8.54 -19.72 1.05
N ALA A 413 8.49 -18.70 0.20
CA ALA A 413 8.07 -18.88 -1.21
C ALA A 413 9.03 -19.86 -1.93
N ALA A 414 10.34 -19.71 -1.71
CA ALA A 414 11.35 -20.62 -2.30
C ALA A 414 11.09 -22.04 -1.82
N LYS A 415 10.75 -22.23 -0.55
CA LYS A 415 10.46 -23.58 -0.02
C LYS A 415 9.24 -24.16 -0.75
N GLY A 416 8.18 -23.38 -0.94
CA GLY A 416 6.99 -23.85 -1.66
C GLY A 416 7.29 -24.22 -3.11
N LEU A 417 8.23 -23.51 -3.72
CA LEU A 417 8.66 -23.73 -5.13
C LEU A 417 9.72 -24.84 -5.20
N ARG A 418 10.21 -25.33 -4.07
CA ARG A 418 11.30 -26.35 -3.96
C ARG A 418 12.57 -25.79 -4.60
N TRP A 419 12.82 -24.49 -4.41
CA TRP A 419 14.06 -23.81 -4.86
C TRP A 419 14.83 -23.26 -3.65
N ASP A 420 14.43 -23.62 -2.43
CA ASP A 420 15.09 -23.08 -1.22
C ASP A 420 16.46 -23.75 -1.01
N ASP A 421 16.81 -24.75 -1.82
CA ASP A 421 18.17 -25.33 -1.90
C ASP A 421 19.15 -24.23 -2.36
N ALA A 422 18.70 -23.28 -3.18
CA ALA A 422 19.60 -22.32 -3.85
C ALA A 422 19.19 -20.87 -3.59
N VAL A 423 17.91 -20.56 -3.37
CA VAL A 423 17.47 -19.14 -3.30
C VAL A 423 16.59 -18.90 -2.07
N GLY A 424 16.23 -17.65 -1.86
CA GLY A 424 15.22 -17.24 -0.88
C GLY A 424 15.82 -16.67 0.39
N SER A 425 17.12 -16.80 0.62
CA SER A 425 17.72 -16.21 1.84
C SER A 425 19.20 -15.90 1.59
N LEU A 426 19.71 -14.93 2.33
CA LEU A 426 21.15 -14.55 2.26
C LEU A 426 21.87 -15.35 3.34
N GLU A 427 22.39 -16.50 2.94
CA GLU A 427 23.15 -17.43 3.81
C GLU A 427 24.27 -17.99 2.98
N PRO A 428 25.43 -18.31 3.60
CA PRO A 428 26.52 -18.95 2.88
C PRO A 428 26.06 -20.21 2.15
N GLY A 429 26.45 -20.32 0.89
CA GLY A 429 26.16 -21.49 0.05
C GLY A 429 24.96 -21.28 -0.86
N LYS A 430 24.11 -20.29 -0.56
N LYS A 430 24.10 -20.31 -0.55
CA LYS A 430 22.94 -19.96 -1.41
CA LYS A 430 22.94 -19.97 -1.41
C LYS A 430 23.39 -19.01 -2.52
C LYS A 430 23.39 -19.02 -2.52
N GLN A 431 22.57 -18.86 -3.55
CA GLN A 431 22.87 -17.97 -4.68
C GLN A 431 22.90 -16.52 -4.21
N ALA A 432 23.81 -15.74 -4.80
CA ALA A 432 23.96 -14.31 -4.54
C ALA A 432 22.85 -13.55 -5.29
N ASP A 433 21.62 -13.67 -4.80
CA ASP A 433 20.43 -13.00 -5.34
C ASP A 433 20.03 -11.97 -4.30
N LEU A 434 20.21 -10.69 -4.61
N LEU A 434 20.24 -10.68 -4.60
CA LEU A 434 19.88 -9.69 -3.57
CA LEU A 434 20.13 -9.58 -3.61
C LEU A 434 19.43 -8.38 -4.21
C LEU A 434 19.39 -8.40 -4.24
N LEU A 435 18.73 -7.62 -3.38
CA LEU A 435 18.20 -6.30 -3.73
C LEU A 435 18.88 -5.25 -2.87
N LEU A 436 19.09 -4.08 -3.45
CA LEU A 436 19.43 -2.86 -2.68
C LEU A 436 18.29 -1.86 -2.85
N VAL A 437 17.91 -1.26 -1.74
CA VAL A 437 16.89 -0.17 -1.70
C VAL A 437 17.54 1.02 -1.00
N ARG A 438 17.44 2.21 -1.57
CA ARG A 438 18.02 3.41 -0.90
C ARG A 438 17.17 3.74 0.34
N THR A 439 17.83 4.09 1.42
CA THR A 439 17.16 4.41 2.70
C THR A 439 17.55 5.80 3.20
N ASP A 440 18.01 6.68 2.31
N ASP A 440 18.04 6.66 2.29
CA ASP A 440 18.57 7.98 2.78
CA ASP A 440 18.51 8.02 2.62
C ASP A 440 17.54 9.10 2.71
C ASP A 440 17.51 9.04 2.08
N ASP A 441 16.26 8.84 2.42
N ASP A 441 16.24 8.87 2.46
CA ASP A 441 15.26 9.91 2.27
CA ASP A 441 15.25 9.95 2.28
C ASP A 441 14.35 10.00 3.51
C ASP A 441 14.34 10.01 3.51
N TRP A 442 13.46 11.00 3.51
CA TRP A 442 12.60 11.34 4.67
C TRP A 442 11.83 10.12 5.17
N ARG A 443 11.49 9.17 4.30
CA ARG A 443 10.63 8.05 4.72
C ARG A 443 11.30 7.24 5.82
N TYR A 444 12.63 7.17 5.79
CA TYR A 444 13.43 6.23 6.61
C TYR A 444 14.04 6.93 7.82
N LEU A 445 13.93 8.25 7.91
CA LEU A 445 14.67 9.03 8.91
C LEU A 445 14.30 8.57 10.33
N LEU A 446 15.32 8.23 11.11
CA LEU A 446 15.29 7.84 12.55
C LEU A 446 14.77 6.43 12.73
N ASN A 447 14.37 5.72 11.68
CA ASN A 447 13.79 4.37 11.87
C ASN A 447 14.90 3.36 11.94
N PRO A 448 15.11 2.63 13.06
CA PRO A 448 16.10 1.55 13.08
C PRO A 448 15.63 0.31 12.29
N ARG A 449 14.41 0.37 11.77
CA ARG A 449 13.79 -0.73 10.99
C ARG A 449 13.45 -0.25 9.60
N PRO A 450 14.46 -0.12 8.71
CA PRO A 450 14.18 0.39 7.37
C PRO A 450 13.15 -0.46 6.59
N LEU A 451 13.09 -1.77 6.85
CA LEU A 451 12.07 -2.60 6.17
C LEU A 451 10.66 -2.11 6.54
N GLU A 452 10.47 -1.66 7.78
CA GLU A 452 9.15 -1.13 8.20
C GLU A 452 8.82 0.14 7.42
N SER A 453 9.77 1.06 7.29
CA SER A 453 9.55 2.29 6.49
C SER A 453 9.26 1.91 5.03
N PHE A 454 9.95 0.90 4.52
CA PHE A 454 9.74 0.41 3.14
C PHE A 454 8.28 -0.06 3.00
N LEU A 455 7.77 -0.82 3.96
CA LEU A 455 6.37 -1.29 3.89
C LEU A 455 5.40 -0.12 4.09
N TRP A 456 5.75 0.89 4.88
CA TRP A 456 4.83 2.04 5.06
C TRP A 456 4.68 2.82 3.75
N LEU A 457 5.81 3.10 3.09
CA LEU A 457 5.89 4.25 2.17
C LEU A 457 6.67 3.98 0.89
N ALA A 458 7.11 2.75 0.66
CA ALA A 458 7.87 2.43 -0.56
C ALA A 458 7.19 1.28 -1.30
N GLY A 459 7.77 0.88 -2.41
CA GLY A 459 7.22 -0.21 -3.22
C GLY A 459 8.17 -0.66 -4.29
N SER A 460 7.61 -1.33 -5.28
CA SER A 460 8.34 -1.93 -6.41
C SER A 460 9.29 -0.92 -7.05
N ALA A 461 8.84 0.30 -7.31
CA ALA A 461 9.67 1.30 -8.03
C ALA A 461 10.86 1.74 -7.18
N ASP A 462 10.85 1.52 -5.86
CA ASP A 462 11.98 1.89 -4.98
C ASP A 462 13.05 0.81 -4.96
N VAL A 463 12.86 -0.32 -5.63
CA VAL A 463 13.97 -1.29 -5.78
C VAL A 463 15.04 -0.60 -6.62
N ASP A 464 16.25 -0.50 -6.11
CA ASP A 464 17.32 0.24 -6.81
C ASP A 464 18.21 -0.72 -7.59
N THR A 465 18.75 -1.72 -6.91
CA THR A 465 19.70 -2.67 -7.51
C THR A 465 19.16 -4.09 -7.37
N VAL A 466 19.28 -4.87 -8.42
CA VAL A 466 18.88 -6.28 -8.43
C VAL A 466 20.07 -7.07 -8.93
N ILE A 467 20.51 -8.04 -8.13
CA ILE A 467 21.67 -8.90 -8.43
C ILE A 467 21.16 -10.34 -8.44
N VAL A 468 21.49 -11.09 -9.49
CA VAL A 468 21.13 -12.53 -9.61
C VAL A 468 22.42 -13.29 -9.86
N GLY A 469 22.74 -14.26 -8.99
CA GLY A 469 23.96 -15.06 -9.15
C GLY A 469 25.19 -14.17 -9.21
N GLY A 470 25.21 -13.07 -8.45
CA GLY A 470 26.36 -12.15 -8.38
C GLY A 470 26.41 -11.16 -9.54
N ARG A 471 25.50 -11.25 -10.51
CA ARG A 471 25.49 -10.33 -11.68
C ARG A 471 24.47 -9.20 -11.45
N THR A 472 24.88 -7.95 -11.61
CA THR A 472 23.94 -6.82 -11.49
C THR A 472 23.08 -6.75 -12.74
N LEU A 473 21.76 -6.84 -12.59
CA LEU A 473 20.82 -6.76 -13.72
C LEU A 473 20.11 -5.41 -13.71
N VAL A 474 19.94 -4.81 -12.54
CA VAL A 474 19.24 -3.50 -12.36
C VAL A 474 20.11 -2.68 -11.42
N GLU A 475 20.31 -1.41 -11.73
CA GLU A 475 21.08 -0.49 -10.88
C GLU A 475 20.49 0.92 -11.01
N GLY A 476 20.28 1.60 -9.89
CA GLY A 476 19.62 2.92 -9.92
C GLY A 476 18.23 2.84 -10.52
N GLY A 477 17.57 1.70 -10.40
CA GLY A 477 16.22 1.48 -10.94
C GLY A 477 16.20 1.37 -12.46
N ARG A 478 17.35 1.11 -13.09
CA ARG A 478 17.47 0.98 -14.57
C ARG A 478 18.12 -0.35 -14.94
N GLY A 479 17.68 -0.94 -16.05
CA GLY A 479 18.31 -2.13 -16.62
C GLY A 479 19.76 -1.88 -16.95
N VAL A 480 20.64 -2.82 -16.61
CA VAL A 480 22.10 -2.74 -16.91
C VAL A 480 22.33 -3.22 -18.35
N GLU A 481 21.82 -4.41 -18.70
CA GLU A 481 21.86 -4.92 -20.09
C GLU A 481 20.48 -4.79 -20.74
N VAL A 482 19.42 -4.77 -19.93
CA VAL A 482 18.04 -4.52 -20.44
C VAL A 482 17.94 -3.09 -20.94
N ASP A 483 17.38 -2.90 -22.13
CA ASP A 483 16.96 -1.59 -22.66
C ASP A 483 15.43 -1.53 -22.51
N GLU A 484 14.96 -0.89 -21.44
N GLU A 484 14.94 -0.91 -21.43
CA GLU A 484 13.54 -0.82 -21.08
CA GLU A 484 13.48 -0.92 -21.10
C GLU A 484 12.69 -0.27 -22.24
C GLU A 484 12.68 -0.29 -22.25
N ALA A 485 13.13 0.80 -22.89
CA ALA A 485 12.37 1.44 -23.99
C ALA A 485 12.25 0.47 -25.17
N ALA A 486 13.31 -0.26 -25.46
CA ALA A 486 13.33 -1.24 -26.58
C ALA A 486 12.39 -2.41 -26.25
N LEU A 487 12.44 -2.94 -25.02
CA LEU A 487 11.52 -4.05 -24.62
C LEU A 487 10.08 -3.54 -24.73
N ARG A 488 9.81 -2.32 -24.27
CA ARG A 488 8.45 -1.75 -24.28
C ARG A 488 7.96 -1.67 -25.72
N ASP A 489 8.77 -1.12 -26.61
CA ASP A 489 8.32 -0.87 -28.00
C ASP A 489 8.05 -2.22 -28.70
N ARG A 490 8.87 -3.23 -28.47
CA ARG A 490 8.64 -4.58 -29.06
C ARG A 490 7.37 -5.20 -28.47
N TYR A 491 7.13 -5.04 -27.17
CA TYR A 491 5.90 -5.53 -26.51
C TYR A 491 4.68 -4.86 -27.13
N LEU A 492 4.73 -3.54 -27.33
CA LEU A 492 3.55 -2.82 -27.86
C LEU A 492 3.25 -3.26 -29.30
N GLN A 493 4.29 -3.46 -30.12
CA GLN A 493 4.13 -3.98 -31.51
C GLN A 493 3.51 -5.37 -31.46
N ALA A 494 4.00 -6.25 -30.59
CA ALA A 494 3.51 -7.64 -30.46
C ALA A 494 2.06 -7.61 -29.99
N LEU A 495 1.76 -6.78 -29.00
CA LEU A 495 0.40 -6.65 -28.44
C LEU A 495 -0.55 -6.17 -29.54
N ARG A 496 -0.12 -5.23 -30.38
CA ARG A 496 -0.96 -4.72 -31.49
C ARG A 496 -1.36 -5.87 -32.42
N GLY A 497 -0.39 -6.69 -32.80
CA GLY A 497 -0.61 -7.82 -33.74
C GLY A 497 -1.54 -8.84 -33.14
N PHE A 498 -1.26 -9.29 -31.92
CA PHE A 498 -2.05 -10.33 -31.25
C PHE A 498 -3.48 -9.82 -31.01
N THR A 499 -3.61 -8.57 -30.56
CA THR A 499 -4.91 -7.96 -30.18
C THR A 499 -5.81 -7.87 -31.42
N THR A 500 -5.27 -7.42 -32.55
CA THR A 500 -6.07 -7.21 -33.80
C THR A 500 -6.35 -8.56 -34.46
N ARG A 501 -5.38 -9.47 -34.51
CA ARG A 501 -5.51 -10.76 -35.25
C ARG A 501 -6.26 -11.79 -34.39
N ALA A 502 -5.75 -12.11 -33.20
CA ALA A 502 -6.21 -13.25 -32.38
C ALA A 502 -7.44 -12.85 -31.55
N LEU A 503 -7.47 -11.64 -30.99
CA LEU A 503 -8.59 -11.19 -30.13
C LEU A 503 -9.62 -10.42 -30.96
N ARG A 504 -9.31 -10.12 -32.22
CA ARG A 504 -10.26 -9.53 -33.20
C ARG A 504 -10.75 -8.15 -32.71
N VAL A 505 -9.92 -7.43 -31.97
CA VAL A 505 -10.20 -5.99 -31.63
C VAL A 505 -9.87 -5.16 -32.85
N PRO A 506 -10.81 -4.31 -33.36
CA PRO A 506 -10.51 -3.46 -34.50
C PRO A 506 -9.28 -2.57 -34.30
N ALA A 507 -8.45 -2.44 -35.32
CA ALA A 507 -7.25 -1.56 -35.35
C ALA A 507 -7.66 -0.13 -34.98
N GLU A 508 -8.88 0.27 -35.33
CA GLU A 508 -9.46 1.62 -35.08
C GLU A 508 -9.52 1.91 -33.58
N ALA A 509 -9.66 0.87 -32.73
CA ALA A 509 -9.71 0.98 -31.25
C ALA A 509 -8.29 0.88 -30.68
N VAL A 510 -7.42 0.07 -31.28
CA VAL A 510 -6.05 -0.21 -30.75
C VAL A 510 -5.12 0.97 -31.06
N ASP A 511 -5.07 1.41 -32.31
CA ASP A 511 -3.99 2.33 -32.79
C ASP A 511 -4.05 3.65 -32.04
N PRO A 512 -5.22 4.28 -31.78
CA PRO A 512 -5.25 5.54 -31.03
C PRO A 512 -4.65 5.42 -29.61
N VAL A 513 -4.81 4.26 -28.97
CA VAL A 513 -4.23 3.99 -27.62
C VAL A 513 -2.70 3.93 -27.77
N LEU A 514 -2.20 3.23 -28.79
CA LEU A 514 -0.73 3.10 -29.01
C LEU A 514 -0.15 4.47 -29.38
N ALA A 515 -0.93 5.31 -30.06
CA ALA A 515 -0.51 6.68 -30.47
C ALA A 515 -0.37 7.58 -29.23
N GLU A 516 -1.10 7.27 -28.15
CA GLU A 516 -1.12 8.04 -26.87
C GLU A 516 0.10 7.72 -26.01
N VAL A 517 0.77 6.59 -26.22
CA VAL A 517 1.87 6.13 -25.33
C VAL A 517 2.93 7.23 -25.25
N ALA A 518 3.39 7.56 -24.04
CA ALA A 518 4.47 8.52 -23.75
C ALA A 518 5.80 7.79 -23.86
N ARG A 519 6.54 8.03 -24.95
CA ARG A 519 7.74 7.23 -25.36
C ARG A 519 8.99 7.80 -24.68
N THR B 17 0.60 39.57 9.32
CA THR B 17 0.31 39.84 7.88
C THR B 17 0.78 38.64 7.03
N GLU B 18 0.04 38.36 5.96
CA GLU B 18 0.35 37.28 4.98
C GLU B 18 1.72 37.50 4.33
N ASN B 19 2.12 38.75 4.10
N ASN B 19 2.09 38.77 4.13
CA ASN B 19 3.37 39.10 3.39
CA ASN B 19 3.35 39.21 3.47
C ASN B 19 4.60 38.55 4.14
C ASN B 19 4.55 38.55 4.14
N LEU B 20 4.49 38.30 5.45
CA LEU B 20 5.61 37.72 6.23
C LEU B 20 6.01 36.37 5.63
N TYR B 21 5.04 35.61 5.13
CA TYR B 21 5.24 34.20 4.72
C TYR B 21 5.51 34.07 3.22
N PHE B 22 4.70 34.76 2.41
CA PHE B 22 4.79 34.68 0.93
C PHE B 22 4.43 36.04 0.35
N GLN B 23 4.93 36.32 -0.84
CA GLN B 23 4.63 37.59 -1.52
C GLN B 23 4.18 37.32 -2.95
N GLY B 24 3.33 38.21 -3.46
CA GLY B 24 2.94 38.25 -4.88
C GLY B 24 1.64 37.53 -5.14
N ALA B 25 0.95 37.94 -6.20
CA ALA B 25 -0.28 37.31 -6.72
C ALA B 25 0.11 36.26 -7.76
N MET B 26 -0.66 35.18 -7.86
CA MET B 26 -0.27 34.02 -8.71
C MET B 26 -0.69 34.23 -10.17
N GLY B 27 -1.60 35.17 -10.46
CA GLY B 27 -2.12 35.39 -11.82
C GLY B 27 -2.78 34.15 -12.39
N ALA B 28 -2.83 34.02 -13.71
CA ALA B 28 -3.51 32.91 -14.40
C ALA B 28 -2.53 31.76 -14.65
N ARG B 29 -2.99 30.54 -14.43
CA ARG B 29 -2.23 29.30 -14.73
C ARG B 29 -3.13 28.36 -15.50
N LEU B 30 -2.60 27.78 -16.56
CA LEU B 30 -3.30 26.73 -17.33
C LEU B 30 -2.49 25.46 -17.21
N ILE B 31 -3.07 24.45 -16.56
CA ILE B 31 -2.43 23.13 -16.38
C ILE B 31 -3.14 22.19 -17.33
N THR B 32 -2.49 21.80 -18.43
CA THR B 32 -3.23 21.21 -19.58
C THR B 32 -2.53 19.96 -20.11
N GLY B 33 -3.33 19.02 -20.60
CA GLY B 33 -2.87 17.84 -21.38
C GLY B 33 -2.90 16.54 -20.60
N GLY B 34 -3.04 16.58 -19.28
CA GLY B 34 -3.01 15.35 -18.45
C GLY B 34 -4.39 14.75 -18.25
N THR B 35 -4.50 13.66 -17.51
CA THR B 35 -5.79 13.15 -17.01
C THR B 35 -6.13 13.89 -15.72
N VAL B 36 -7.26 14.58 -15.70
CA VAL B 36 -7.68 15.43 -14.56
C VAL B 36 -8.81 14.73 -13.81
N TYR B 37 -8.58 14.43 -12.54
CA TYR B 37 -9.58 13.92 -11.59
C TYR B 37 -10.08 15.10 -10.76
N THR B 38 -11.37 15.41 -10.84
CA THR B 38 -11.91 16.62 -10.19
C THR B 38 -12.38 16.34 -8.77
N ALA B 39 -12.79 15.12 -8.45
CA ALA B 39 -13.56 14.80 -7.23
C ALA B 39 -14.72 15.77 -7.07
N ASP B 40 -15.34 16.21 -8.17
CA ASP B 40 -16.57 17.02 -8.08
C ASP B 40 -17.72 16.07 -7.75
N ALA B 41 -18.93 16.60 -7.63
CA ALA B 41 -20.10 15.83 -7.16
C ALA B 41 -20.35 14.63 -8.09
N GLN B 42 -19.93 14.71 -9.35
CA GLN B 42 -20.13 13.63 -10.35
C GLN B 42 -18.86 12.78 -10.46
N GLU B 43 -17.86 13.03 -9.62
CA GLU B 43 -16.55 12.32 -9.65
C GLU B 43 -15.94 12.45 -11.05
N SER B 44 -16.09 13.61 -11.68
N SER B 44 -16.15 13.58 -11.72
CA SER B 44 -15.74 13.82 -13.11
CA SER B 44 -15.80 13.76 -13.15
C SER B 44 -14.24 13.56 -13.35
C SER B 44 -14.29 13.56 -13.36
N VAL B 45 -13.94 12.84 -14.43
CA VAL B 45 -12.55 12.56 -14.88
C VAL B 45 -12.46 13.06 -16.32
N HIS B 46 -11.42 13.82 -16.65
CA HIS B 46 -11.21 14.35 -18.01
C HIS B 46 -9.87 13.84 -18.55
N ALA B 47 -9.89 12.89 -19.47
CA ALA B 47 -8.69 12.53 -20.26
C ALA B 47 -8.30 13.77 -21.09
N ARG B 48 -7.03 14.09 -21.19
CA ARG B 48 -6.53 15.30 -21.91
C ARG B 48 -7.36 16.50 -21.42
N GLY B 49 -7.48 16.62 -20.11
CA GLY B 49 -8.23 17.70 -19.46
C GLY B 49 -7.31 18.87 -19.18
N ALA B 50 -7.89 19.93 -18.64
CA ALA B 50 -7.13 21.12 -18.24
C ALA B 50 -7.81 21.78 -17.04
N VAL B 51 -7.01 22.53 -16.29
CA VAL B 51 -7.49 23.38 -15.17
C VAL B 51 -6.95 24.78 -15.43
N LEU B 52 -7.84 25.77 -15.48
CA LEU B 52 -7.46 27.20 -15.53
C LEU B 52 -7.71 27.80 -14.15
N THR B 53 -6.68 28.40 -13.58
CA THR B 53 -6.75 29.07 -12.26
C THR B 53 -6.42 30.55 -12.47
N VAL B 54 -7.01 31.39 -11.66
CA VAL B 54 -6.66 32.83 -11.59
C VAL B 54 -6.49 33.17 -10.12
N ASP B 55 -5.30 33.62 -9.76
CA ASP B 55 -4.90 33.89 -8.36
C ASP B 55 -5.17 32.61 -7.57
N ASP B 56 -6.02 32.66 -6.55
CA ASP B 56 -6.18 31.55 -5.59
C ASP B 56 -7.26 30.55 -6.07
N LYS B 57 -7.98 30.80 -7.17
CA LYS B 57 -9.22 30.05 -7.47
C LYS B 57 -9.15 29.33 -8.82
N VAL B 58 -9.83 28.19 -8.88
CA VAL B 58 -10.19 27.52 -10.16
C VAL B 58 -11.21 28.37 -10.88
N VAL B 59 -10.99 28.62 -12.17
CA VAL B 59 -11.96 29.37 -13.04
C VAL B 59 -12.64 28.40 -14.00
N ALA B 60 -11.93 27.40 -14.53
CA ALA B 60 -12.50 26.45 -15.50
C ALA B 60 -11.76 25.12 -15.40
N VAL B 61 -12.47 24.04 -15.64
CA VAL B 61 -11.90 22.68 -15.59
C VAL B 61 -12.74 21.81 -16.51
N GLY B 62 -12.10 21.01 -17.32
CA GLY B 62 -12.80 20.16 -18.28
C GLY B 62 -11.86 19.75 -19.40
N PRO B 63 -12.41 19.31 -20.54
CA PRO B 63 -11.59 18.99 -21.71
C PRO B 63 -10.70 20.17 -22.08
N ALA B 64 -9.46 19.90 -22.49
CA ALA B 64 -8.44 20.90 -22.83
C ALA B 64 -9.01 21.96 -23.78
N VAL B 65 -9.77 21.55 -24.81
CA VAL B 65 -10.26 22.47 -25.87
C VAL B 65 -11.29 23.44 -25.26
N GLU B 66 -12.15 22.95 -24.37
CA GLU B 66 -13.19 23.75 -23.66
C GLU B 66 -12.51 24.77 -22.74
N VAL B 67 -11.48 24.38 -22.01
CA VAL B 67 -10.76 25.28 -21.08
C VAL B 67 -9.98 26.34 -21.88
N GLU B 68 -9.48 26.00 -23.07
CA GLU B 68 -8.79 26.98 -23.94
C GLU B 68 -9.75 28.14 -24.29
N GLN B 69 -11.05 27.85 -24.47
N GLN B 69 -11.04 27.85 -24.48
CA GLN B 69 -12.09 28.89 -24.74
CA GLN B 69 -12.07 28.89 -24.74
C GLN B 69 -12.18 29.82 -23.52
C GLN B 69 -12.20 29.82 -23.53
N ALA B 70 -12.08 29.29 -22.30
CA ALA B 70 -12.07 30.09 -21.06
C ALA B 70 -10.81 30.97 -21.01
N VAL B 71 -9.68 30.47 -21.49
CA VAL B 71 -8.42 31.26 -21.58
C VAL B 71 -8.67 32.49 -22.46
N GLN B 72 -9.37 32.33 -23.58
CA GLN B 72 -9.62 33.43 -24.55
C GLN B 72 -10.51 34.50 -23.91
N ALA B 73 -11.29 34.15 -22.87
CA ALA B 73 -12.22 35.06 -22.18
C ALA B 73 -11.54 35.81 -21.03
N LEU B 74 -10.28 35.50 -20.70
CA LEU B 74 -9.54 36.19 -19.61
C LEU B 74 -9.37 37.67 -19.95
N ASP B 75 -9.28 38.51 -18.91
CA ASP B 75 -8.77 39.89 -19.03
C ASP B 75 -7.47 39.83 -19.84
N PRO B 76 -7.26 40.72 -20.83
CA PRO B 76 -6.06 40.71 -21.66
C PRO B 76 -4.73 40.75 -20.89
N ALA B 77 -4.63 41.59 -19.85
CA ALA B 77 -3.41 41.76 -19.03
C ALA B 77 -3.14 40.46 -18.25
N VAL B 78 -4.21 39.78 -17.83
CA VAL B 78 -4.11 38.48 -17.11
C VAL B 78 -3.65 37.40 -18.10
N ARG B 79 -4.23 37.37 -19.30
CA ARG B 79 -3.86 36.39 -20.35
C ARG B 79 -2.39 36.60 -20.76
N ALA B 80 -1.94 37.85 -20.86
CA ALA B 80 -0.56 38.20 -21.26
C ALA B 80 0.46 37.55 -20.32
N GLU B 81 0.11 37.32 -19.05
CA GLU B 81 1.04 36.76 -18.02
C GLU B 81 0.67 35.30 -17.71
N LEU B 82 -0.19 34.67 -18.52
CA LEU B 82 -0.63 33.28 -18.30
C LEU B 82 0.59 32.36 -18.22
N ARG B 83 0.67 31.52 -17.19
CA ARG B 83 1.68 30.44 -17.06
C ARG B 83 1.05 29.13 -17.54
N ARG B 84 1.53 28.62 -18.66
CA ARG B 84 1.11 27.31 -19.22
C ARG B 84 2.02 26.21 -18.67
N LEU B 85 1.42 25.21 -18.04
CA LEU B 85 2.14 24.03 -17.51
C LEU B 85 1.70 22.83 -18.34
N ASP B 86 2.64 22.20 -19.04
CA ASP B 86 2.39 21.00 -19.87
C ASP B 86 2.31 19.80 -18.93
N ALA B 87 1.09 19.35 -18.65
CA ALA B 87 0.82 18.20 -17.76
C ALA B 87 0.51 16.96 -18.60
N SER B 88 0.91 16.92 -19.86
CA SER B 88 0.59 15.80 -20.78
C SER B 88 1.19 14.48 -20.27
N ARG B 89 2.27 14.51 -19.48
CA ARG B 89 2.86 13.26 -18.93
C ARG B 89 2.47 13.08 -17.46
N MET B 90 1.34 13.64 -17.06
N MET B 90 1.36 13.71 -17.05
CA MET B 90 0.96 13.70 -15.63
CA MET B 90 0.95 13.79 -15.62
C MET B 90 -0.52 13.41 -15.44
C MET B 90 -0.53 13.43 -15.43
N MET B 91 -0.87 13.10 -14.19
CA MET B 91 -2.23 13.02 -13.67
C MET B 91 -2.41 14.22 -12.72
N VAL B 92 -3.57 14.85 -12.81
CA VAL B 92 -3.92 16.02 -11.95
C VAL B 92 -4.97 15.56 -10.95
N LEU B 93 -4.70 15.77 -9.66
CA LEU B 93 -5.66 15.44 -8.57
C LEU B 93 -5.98 16.72 -7.82
N PRO B 94 -7.10 16.75 -7.09
CA PRO B 94 -7.30 17.77 -6.08
C PRO B 94 -6.28 17.55 -4.96
N GLY B 95 -5.88 18.62 -4.29
CA GLY B 95 -5.06 18.49 -3.09
C GLY B 95 -5.75 17.60 -2.06
N PHE B 96 -4.98 16.76 -1.39
CA PHE B 96 -5.57 15.85 -0.39
C PHE B 96 -5.97 16.65 0.84
N VAL B 97 -7.09 16.25 1.42
CA VAL B 97 -7.64 16.84 2.66
C VAL B 97 -7.56 15.75 3.72
N ASN B 98 -6.57 15.86 4.59
CA ASN B 98 -6.28 14.86 5.63
C ASN B 98 -6.84 15.41 6.93
N ALA B 99 -8.10 15.08 7.23
CA ALA B 99 -8.91 15.77 8.25
C ALA B 99 -8.73 15.13 9.63
N HIS B 100 -8.05 14.01 9.73
CA HIS B 100 -7.82 13.31 11.01
C HIS B 100 -6.33 12.97 11.07
N TRP B 101 -5.61 13.87 11.73
CA TRP B 101 -4.15 13.79 11.87
C TRP B 101 -3.79 14.29 13.27
N HIS B 102 -2.62 13.89 13.71
CA HIS B 102 -2.06 14.31 15.01
C HIS B 102 -0.59 14.63 14.79
N GLU B 103 -0.11 15.74 15.34
CA GLU B 103 1.33 16.04 15.38
C GLU B 103 1.90 15.28 16.58
N MET B 104 2.72 14.25 16.32
N MET B 104 2.71 14.24 16.33
CA MET B 104 3.29 13.36 17.37
CA MET B 104 3.30 13.40 17.41
C MET B 104 4.80 13.17 17.17
C MET B 104 4.80 13.17 17.17
N PHE B 105 5.44 13.92 16.27
CA PHE B 105 6.87 13.69 15.96
C PHE B 105 7.74 14.00 17.17
N ALA B 106 7.25 14.71 18.18
CA ALA B 106 8.05 14.92 19.42
C ALA B 106 8.29 13.58 20.14
N MET B 107 7.52 12.54 19.83
CA MET B 107 7.62 11.22 20.49
C MET B 107 8.42 10.23 19.64
N GLY B 108 9.23 10.73 18.70
CA GLY B 108 10.00 9.88 17.78
C GLY B 108 10.92 8.88 18.48
N PHE B 109 11.41 9.18 19.68
CA PHE B 109 12.34 8.27 20.40
C PHE B 109 11.61 7.19 21.20
N THR B 110 10.32 7.35 21.49
CA THR B 110 9.60 6.51 22.50
C THR B 110 8.42 5.75 21.90
N MET B 111 7.72 6.29 20.90
CA MET B 111 6.47 5.72 20.36
C MET B 111 6.79 4.90 19.10
N ARG B 112 6.82 3.56 19.23
CA ARG B 112 7.19 2.65 18.12
C ARG B 112 8.37 3.26 17.38
N GLY B 113 9.40 3.68 18.11
CA GLY B 113 10.28 4.72 17.56
C GLY B 113 11.73 4.34 17.38
N ALA B 114 12.58 5.34 17.57
CA ALA B 114 13.99 5.35 17.13
C ALA B 114 14.86 4.44 17.99
N LEU B 115 14.41 4.05 19.18
CA LEU B 115 15.25 3.26 20.11
C LEU B 115 14.95 1.76 20.02
N ARG B 116 14.03 1.34 19.15
CA ARG B 116 13.74 -0.10 18.99
C ARG B 116 14.94 -0.81 18.41
N PRO B 117 15.15 -2.10 18.73
CA PRO B 117 16.18 -2.88 18.06
C PRO B 117 15.81 -3.04 16.59
N PRO B 118 16.79 -3.19 15.68
CA PRO B 118 16.51 -3.43 14.26
C PRO B 118 15.68 -4.70 14.03
N SER B 119 15.93 -5.75 14.82
CA SER B 119 15.11 -6.99 14.76
C SER B 119 13.73 -6.70 15.36
N ASP B 120 12.67 -7.13 14.68
CA ASP B 120 11.27 -7.00 15.17
C ASP B 120 10.84 -8.28 15.88
N ARG B 121 11.70 -9.27 16.05
CA ARG B 121 11.24 -10.64 16.43
C ARG B 121 10.65 -10.66 17.83
N ALA B 122 11.10 -9.78 18.74
CA ALA B 122 10.66 -9.78 20.14
C ALA B 122 9.48 -8.81 20.35
N ASP B 123 8.91 -8.24 19.29
CA ASP B 123 7.78 -7.28 19.46
C ASP B 123 6.62 -7.98 20.18
N GLN B 124 5.92 -7.20 21.00
N GLN B 124 5.91 -7.23 21.03
CA GLN B 124 4.75 -7.66 21.80
CA GLN B 124 4.75 -7.75 21.78
C GLN B 124 3.51 -6.89 21.37
C GLN B 124 3.53 -6.90 21.46
N VAL B 125 2.33 -7.46 21.60
CA VAL B 125 1.06 -6.73 21.47
C VAL B 125 1.03 -5.75 22.65
N ALA B 126 0.80 -4.48 22.35
CA ALA B 126 0.75 -3.43 23.37
C ALA B 126 -0.12 -2.29 22.85
N PHE B 127 -0.42 -1.39 23.77
CA PHE B 127 -1.03 -0.07 23.54
C PHE B 127 -2.41 -0.24 22.90
N MET B 128 -2.54 0.07 21.60
N MET B 128 -2.58 0.07 21.62
CA MET B 128 -3.80 0.03 20.84
CA MET B 128 -3.90 -0.02 20.97
C MET B 128 -4.12 -1.42 20.41
C MET B 128 -4.10 -1.41 20.35
N GLY B 129 -3.17 -2.34 20.53
CA GLY B 129 -3.30 -3.72 20.04
C GLY B 129 -4.10 -4.60 20.98
N GLY B 130 -4.54 -5.75 20.51
CA GLY B 130 -5.15 -6.78 21.36
C GLY B 130 -6.46 -6.33 21.99
N GLY B 131 -7.18 -5.44 21.31
CA GLY B 131 -8.44 -4.86 21.80
C GLY B 131 -8.24 -3.55 22.50
N GLY B 132 -7.00 -3.22 22.87
CA GLY B 132 -6.67 -1.94 23.52
C GLY B 132 -6.41 -2.08 25.00
N ASP B 133 -5.28 -1.53 25.45
CA ASP B 133 -4.94 -1.40 26.88
C ASP B 133 -5.55 -0.09 27.35
N MET B 134 -6.81 -0.15 27.80
CA MET B 134 -7.61 1.08 27.98
C MET B 134 -7.00 1.96 29.07
N HIS B 135 -6.48 1.38 30.16
CA HIS B 135 -5.84 2.17 31.22
C HIS B 135 -4.63 2.90 30.65
N GLN B 136 -3.78 2.21 29.91
CA GLN B 136 -2.52 2.80 29.39
C GLN B 136 -2.87 3.90 28.39
N ILE B 137 -3.82 3.65 27.49
CA ILE B 137 -4.22 4.66 26.48
C ILE B 137 -4.73 5.90 27.20
N SER B 138 -5.63 5.72 28.16
CA SER B 138 -6.25 6.86 28.88
C SER B 138 -5.15 7.66 29.60
N ALA B 139 -4.26 6.99 30.31
CA ALA B 139 -3.19 7.66 31.08
C ALA B 139 -2.27 8.41 30.14
N THR B 140 -1.88 7.78 29.03
CA THR B 140 -0.98 8.40 28.04
C THR B 140 -1.62 9.69 27.52
N PHE B 141 -2.89 9.63 27.13
CA PHE B 141 -3.58 10.82 26.59
C PHE B 141 -3.63 11.91 27.65
N ASP B 142 -3.86 11.56 28.92
CA ASP B 142 -4.02 12.61 29.94
C ASP B 142 -2.67 13.27 30.27
N ARG B 143 -1.56 12.67 29.87
CA ARG B 143 -0.19 13.23 30.12
C ARG B 143 0.18 14.27 29.05
N PHE B 144 -0.60 14.42 27.97
CA PHE B 144 -0.22 15.33 26.87
C PHE B 144 -0.12 16.77 27.36
N ASP B 145 -1.07 17.27 28.16
CA ASP B 145 -1.02 18.71 28.57
C ASP B 145 0.32 19.03 29.23
N GLY B 146 0.78 18.16 30.12
CA GLY B 146 2.06 18.38 30.84
C GLY B 146 3.22 18.40 29.88
N LEU B 147 3.22 17.51 28.90
CA LEU B 147 4.34 17.42 27.93
C LEU B 147 4.30 18.61 26.97
N ILE B 148 3.12 19.05 26.56
CA ILE B 148 2.99 20.25 25.68
C ILE B 148 3.54 21.45 26.45
N GLU B 149 3.22 21.57 27.73
CA GLU B 149 3.69 22.72 28.56
C GLU B 149 5.22 22.65 28.68
N ALA B 150 5.80 21.46 28.77
CA ALA B 150 7.25 21.23 28.94
C ALA B 150 8.01 21.55 27.64
N MET B 151 7.35 21.48 26.49
CA MET B 151 7.96 21.74 25.17
C MET B 151 8.22 23.25 25.02
N THR B 152 9.40 23.64 24.57
CA THR B 152 9.71 25.07 24.37
C THR B 152 9.02 25.55 23.09
N GLU B 153 8.85 26.86 22.94
CA GLU B 153 8.26 27.48 21.73
C GLU B 153 9.15 27.13 20.53
N ASP B 154 10.47 27.15 20.69
CA ASP B 154 11.42 26.85 19.58
C ASP B 154 11.29 25.38 19.19
N GLU B 155 11.21 24.48 20.17
CA GLU B 155 11.07 23.03 19.88
C GLU B 155 9.76 22.81 19.12
N ALA B 156 8.68 23.39 19.61
CA ALA B 156 7.34 23.21 19.02
C ALA B 156 7.35 23.66 17.55
N ARG B 157 7.92 24.83 17.28
N ARG B 157 7.94 24.82 17.30
CA ARG B 157 7.98 25.43 15.91
CA ARG B 157 8.01 25.45 15.95
C ARG B 157 8.74 24.47 14.98
C ARG B 157 8.74 24.50 14.99
N ALA B 158 9.89 23.98 15.42
CA ALA B 158 10.77 23.14 14.57
C ALA B 158 10.11 21.78 14.33
N ILE B 159 9.54 21.18 15.36
CA ILE B 159 8.95 19.82 15.21
C ILE B 159 7.69 19.94 14.35
N ALA B 160 6.85 20.94 14.61
CA ALA B 160 5.60 21.14 13.83
C ALA B 160 5.95 21.35 12.36
N GLU B 161 6.92 22.20 12.06
CA GLU B 161 7.13 22.57 10.64
C GLU B 161 7.61 21.34 9.87
N TYR B 162 8.49 20.52 10.44
CA TYR B 162 8.99 19.33 9.73
C TYR B 162 7.86 18.30 9.59
N SER B 163 7.11 18.06 10.66
CA SER B 163 6.00 17.09 10.67
C SER B 163 4.97 17.47 9.60
N MET B 164 4.60 18.74 9.54
CA MET B 164 3.57 19.23 8.60
C MET B 164 4.15 19.30 7.19
N TRP B 165 5.44 19.59 7.04
CA TRP B 165 6.12 19.48 5.73
C TRP B 165 5.94 18.06 5.17
N ILE B 166 6.13 17.04 6.00
CA ILE B 166 6.01 15.64 5.48
C ILE B 166 4.59 15.41 4.98
N GLN B 167 3.57 15.96 5.63
CA GLN B 167 2.19 15.87 5.10
C GLN B 167 2.10 16.58 3.74
N LEU B 168 2.58 17.82 3.66
CA LEU B 168 2.52 18.59 2.40
C LEU B 168 3.24 17.85 1.28
N ARG B 169 4.41 17.29 1.55
CA ARG B 169 5.25 16.58 0.56
C ARG B 169 4.45 15.43 -0.07
N GLY B 170 3.57 14.81 0.71
CA GLY B 170 2.72 13.69 0.26
C GLY B 170 1.43 14.15 -0.37
N GLY B 171 1.25 15.45 -0.62
CA GLY B 171 0.09 15.97 -1.33
C GLY B 171 -1.02 16.47 -0.42
N VAL B 172 -0.80 16.54 0.89
CA VAL B 172 -1.82 17.10 1.80
C VAL B 172 -1.78 18.63 1.73
N THR B 173 -2.81 19.22 1.15
CA THR B 173 -2.93 20.69 1.02
C THR B 173 -3.78 21.25 2.15
N THR B 174 -4.69 20.45 2.74
CA THR B 174 -5.52 20.86 3.89
C THR B 174 -5.38 19.80 4.97
N LEU B 175 -4.90 20.18 6.13
CA LEU B 175 -4.58 19.26 7.23
C LEU B 175 -5.46 19.59 8.43
N GLY B 176 -6.06 18.59 9.04
CA GLY B 176 -6.94 18.75 10.21
C GLY B 176 -6.30 18.14 11.46
N ASP B 177 -6.03 18.97 12.46
CA ASP B 177 -5.53 18.54 13.79
C ASP B 177 -6.70 17.97 14.60
N MET B 178 -6.61 16.71 14.99
CA MET B 178 -7.61 16.10 15.91
C MET B 178 -6.94 15.76 17.24
N GLY B 179 -5.91 16.51 17.60
CA GLY B 179 -5.33 16.51 18.95
C GLY B 179 -3.87 16.15 18.89
N SER B 180 -2.99 17.11 19.16
CA SER B 180 -1.54 16.96 18.90
C SER B 180 -0.74 17.14 20.18
N LEU B 181 0.39 16.45 20.24
CA LEU B 181 1.42 16.72 21.27
C LEU B 181 2.34 17.83 20.72
N ASN B 182 1.79 19.02 20.62
CA ASN B 182 2.52 20.22 20.14
C ASN B 182 1.69 21.42 20.57
N ARG B 183 2.26 22.60 20.44
CA ARG B 183 1.61 23.87 20.83
C ARG B 183 0.76 24.33 19.66
N PRO B 184 -0.56 24.55 19.86
CA PRO B 184 -1.44 24.96 18.77
C PRO B 184 -0.90 26.12 17.93
N LEU B 185 -0.41 27.18 18.56
CA LEU B 185 0.03 28.36 17.77
C LEU B 185 1.33 28.03 17.03
N ALA B 186 2.14 27.08 17.50
CA ALA B 186 3.34 26.62 16.76
C ALA B 186 2.89 25.92 15.48
N MET B 187 1.84 25.11 15.53
CA MET B 187 1.36 24.40 14.33
C MET B 187 0.72 25.41 13.37
N VAL B 188 -0.01 26.40 13.89
CA VAL B 188 -0.61 27.46 13.03
C VAL B 188 0.53 28.20 12.33
N GLU B 189 1.59 28.54 13.07
CA GLU B 189 2.71 29.30 12.47
C GLU B 189 3.40 28.43 11.42
N ALA B 190 3.59 27.14 11.69
CA ALA B 190 4.18 26.21 10.72
C ALA B 190 3.33 26.19 9.45
N ALA B 191 2.02 26.06 9.55
CA ALA B 191 1.15 26.05 8.37
C ALA B 191 1.30 27.37 7.60
N ARG B 192 1.31 28.50 8.29
CA ARG B 192 1.49 29.82 7.63
C ARG B 192 2.81 29.82 6.84
N ARG B 193 3.91 29.37 7.46
CA ARG B 193 5.25 29.34 6.83
C ARG B 193 5.26 28.38 5.63
N LEU B 194 4.59 27.23 5.74
CA LEU B 194 4.66 26.19 4.69
C LEU B 194 3.78 26.56 3.48
N GLY B 195 2.71 27.32 3.67
CA GLY B 195 1.81 27.71 2.58
C GLY B 195 0.60 26.80 2.45
N MET B 196 0.45 25.83 3.33
CA MET B 196 -0.67 24.86 3.31
C MET B 196 -1.84 25.38 4.15
N ARG B 197 -2.96 24.68 4.08
CA ARG B 197 -4.16 24.99 4.88
C ARG B 197 -4.18 24.08 6.11
N PHE B 198 -4.70 24.61 7.21
CA PHE B 198 -4.66 23.91 8.50
C PHE B 198 -5.90 24.25 9.32
N SER B 199 -6.56 23.21 9.80
CA SER B 199 -7.63 23.32 10.82
C SER B 199 -7.01 22.97 12.16
N ALA B 200 -6.72 24.00 12.96
CA ALA B 200 -6.00 23.87 14.23
C ALA B 200 -6.93 23.41 15.34
N SER B 201 -6.37 22.77 16.35
CA SER B 201 -7.15 22.40 17.54
C SER B 201 -6.27 22.55 18.77
N THR B 202 -6.85 22.19 19.91
CA THR B 202 -6.15 22.19 21.21
C THR B 202 -6.35 20.84 21.85
N TRP B 203 -5.48 20.49 22.78
CA TRP B 203 -5.55 19.19 23.47
C TRP B 203 -6.66 19.23 24.51
N ALA B 204 -7.51 18.20 24.51
CA ALA B 204 -8.69 18.15 25.39
C ALA B 204 -8.80 16.78 26.06
N SER B 205 -8.36 16.70 27.31
CA SER B 205 -8.49 15.50 28.18
C SER B 205 -8.83 16.01 29.57
N ASP B 206 -9.99 15.68 30.13
CA ASP B 206 -10.29 16.10 31.51
C ASP B 206 -10.65 14.91 32.40
N ALA B 207 -10.43 13.69 31.93
CA ALA B 207 -10.68 12.50 32.76
C ALA B 207 -9.64 11.44 32.43
N VAL B 208 -9.34 10.59 33.40
CA VAL B 208 -8.47 9.41 33.18
C VAL B 208 -9.14 8.17 33.79
N LEU B 209 -8.94 7.03 33.14
CA LEU B 209 -9.41 5.71 33.63
C LEU B 209 -8.22 5.03 34.31
N ALA B 210 -8.24 4.94 35.64
CA ALA B 210 -7.12 4.41 36.45
C ALA B 210 -7.53 3.06 37.01
N PRO B 211 -6.59 2.07 37.05
CA PRO B 211 -6.91 0.71 37.47
C PRO B 211 -7.63 0.55 38.83
N ASP B 212 -7.35 1.43 39.79
CA ASP B 212 -7.78 1.19 41.21
C ASP B 212 -8.96 2.11 41.56
N ARG B 213 -9.82 2.44 40.58
CA ARG B 213 -10.93 3.41 40.80
C ARG B 213 -12.24 2.86 40.22
N SER B 214 -13.38 3.26 40.80
CA SER B 214 -14.75 2.78 40.46
C SER B 214 -15.43 3.72 39.43
N ARG B 215 -14.88 4.93 39.24
CA ARG B 215 -15.31 5.83 38.14
C ARG B 215 -14.09 6.58 37.64
N PHE B 216 -14.27 7.28 36.53
CA PHE B 216 -13.26 8.19 35.95
C PHE B 216 -12.76 9.11 37.07
N LEU B 217 -11.50 9.52 36.92
CA LEU B 217 -10.88 10.58 37.75
C LEU B 217 -10.87 11.86 36.93
N ARG B 218 -11.48 12.92 37.44
CA ARG B 218 -11.47 14.24 36.78
C ARG B 218 -10.08 14.85 36.98
N THR B 219 -9.38 15.15 35.89
CA THR B 219 -7.95 15.53 35.93
C THR B 219 -7.75 17.04 35.75
N ARG B 220 -8.79 17.74 35.33
CA ARG B 220 -8.75 19.22 35.20
C ARG B 220 -10.19 19.69 35.02
N ASP B 221 -10.42 20.98 35.14
CA ASP B 221 -11.78 21.56 35.02
C ASP B 221 -12.14 21.67 33.54
N ALA B 222 -13.36 21.30 33.18
CA ALA B 222 -13.85 21.42 31.78
C ALA B 222 -13.65 22.87 31.30
N ASP B 223 -13.89 23.84 32.15
CA ASP B 223 -13.80 25.27 31.73
C ASP B 223 -12.36 25.61 31.34
N THR B 224 -11.34 24.98 31.93
CA THR B 224 -9.91 25.20 31.56
C THR B 224 -9.71 24.73 30.12
N VAL B 225 -10.22 23.55 29.83
CA VAL B 225 -10.04 22.92 28.50
C VAL B 225 -10.77 23.78 27.47
N LEU B 226 -11.98 24.22 27.79
CA LEU B 226 -12.78 25.04 26.85
C LEU B 226 -12.07 26.38 26.63
N ALA B 227 -11.55 26.99 27.69
CA ALA B 227 -10.85 28.29 27.58
C ALA B 227 -9.64 28.15 26.67
N SER B 228 -8.92 27.03 26.74
N SER B 228 -8.90 27.04 26.74
CA SER B 228 -7.73 26.77 25.89
CA SER B 228 -7.71 26.83 25.86
C SER B 228 -8.16 26.84 24.42
C SER B 228 -8.17 26.85 24.40
N PHE B 229 -9.28 26.21 24.08
CA PHE B 229 -9.77 26.24 22.69
C PHE B 229 -10.21 27.66 22.32
N GLU B 230 -10.93 28.35 23.20
CA GLU B 230 -11.42 29.72 22.92
C GLU B 230 -10.22 30.65 22.65
N ALA B 231 -9.09 30.44 23.34
CA ALA B 231 -7.87 31.25 23.15
C ALA B 231 -7.34 31.01 21.73
N LEU B 232 -7.33 29.77 21.27
CA LEU B 232 -6.88 29.47 19.89
C LEU B 232 -7.83 30.14 18.90
N LEU B 233 -9.14 29.98 19.09
CA LEU B 233 -10.15 30.56 18.16
C LEU B 233 -9.93 32.07 18.08
N GLY B 234 -9.69 32.73 19.21
CA GLY B 234 -9.42 34.18 19.26
C GLY B 234 -8.18 34.53 18.44
N ALA B 235 -7.13 33.71 18.52
CA ALA B 235 -5.83 33.96 17.86
C ALA B 235 -5.97 33.83 16.34
N VAL B 236 -6.82 32.94 15.83
CA VAL B 236 -6.89 32.66 14.36
C VAL B 236 -8.11 33.33 13.72
N ALA B 237 -8.98 33.96 14.50
N ALA B 237 -9.00 33.91 14.52
CA ALA B 237 -10.10 34.79 14.00
CA ALA B 237 -10.07 34.83 14.08
C ALA B 237 -9.57 35.87 13.06
C ALA B 237 -9.44 36.07 13.45
N ALA B 238 -8.38 36.42 13.36
N ALA B 238 -9.77 36.32 12.18
CA ALA B 238 -7.78 37.59 12.69
CA ALA B 238 -9.30 37.48 11.38
C ALA B 238 -6.91 37.15 11.49
C ALA B 238 -8.00 37.12 10.65
N ASP B 239 -6.95 35.86 11.11
N ASP B 239 -7.45 35.91 10.87
CA ASP B 239 -6.07 35.33 10.05
CA ASP B 239 -6.29 35.44 10.07
C ASP B 239 -6.53 35.85 8.69
C ASP B 239 -6.58 35.85 8.64
N PRO B 240 -5.65 36.56 7.94
CA PRO B 240 -5.99 37.09 6.62
C PRO B 240 -5.69 36.18 5.42
N THR B 241 -5.02 35.04 5.65
CA THR B 241 -4.48 34.16 4.59
C THR B 241 -5.59 33.32 3.93
N GLY B 242 -6.71 33.06 4.64
CA GLY B 242 -7.75 32.11 4.22
C GLY B 242 -7.30 30.65 4.38
N ARG B 243 -6.13 30.44 4.98
CA ARG B 243 -5.51 29.09 5.06
C ARG B 243 -5.62 28.53 6.48
N ILE B 244 -6.12 29.27 7.46
CA ILE B 244 -6.16 28.81 8.87
C ILE B 244 -7.60 28.83 9.36
N ARG B 245 -8.07 27.68 9.84
CA ARG B 245 -9.35 27.56 10.56
C ARG B 245 -9.08 26.82 11.86
N CYS B 246 -10.11 26.57 12.64
N CYS B 246 -10.12 26.61 12.66
CA CYS B 246 -9.95 25.74 13.85
CA CYS B 246 -10.04 25.92 13.97
C CYS B 246 -11.21 24.94 14.11
C CYS B 246 -11.21 24.93 14.09
N ARG B 247 -11.01 23.85 14.83
CA ARG B 247 -12.09 22.91 15.16
C ARG B 247 -11.75 22.32 16.51
N PRO B 248 -12.67 22.41 17.49
CA PRO B 248 -12.43 21.81 18.79
C PRO B 248 -12.55 20.29 18.66
N ASN B 249 -11.75 19.60 19.46
CA ASN B 249 -11.84 18.14 19.58
C ASN B 249 -11.88 17.74 21.05
N VAL B 250 -12.39 16.54 21.30
CA VAL B 250 -12.13 15.81 22.56
C VAL B 250 -11.16 14.67 22.20
N SER B 251 -10.07 14.53 22.93
CA SER B 251 -9.01 13.51 22.65
C SER B 251 -9.64 12.15 22.37
N TYR B 252 -10.45 11.68 23.31
CA TYR B 252 -11.01 10.31 23.29
C TYR B 252 -12.13 10.30 24.31
N VAL B 253 -13.23 9.63 24.02
CA VAL B 253 -14.42 9.63 24.92
C VAL B 253 -14.08 9.08 26.30
N THR B 254 -13.04 8.25 26.43
CA THR B 254 -12.58 7.76 27.75
C THR B 254 -12.17 8.93 28.66
N ASN B 255 -11.62 9.99 28.06
CA ASN B 255 -10.94 11.10 28.76
C ASN B 255 -11.85 12.35 28.72
N MET B 256 -13.16 12.13 28.71
CA MET B 256 -14.18 13.19 28.49
C MET B 256 -15.21 13.12 29.60
N THR B 257 -15.33 14.17 30.40
CA THR B 257 -16.43 14.28 31.37
C THR B 257 -17.70 14.75 30.66
N ASP B 258 -18.84 14.53 31.30
CA ASP B 258 -20.12 15.06 30.77
C ASP B 258 -20.06 16.59 30.68
N GLU B 259 -19.35 17.24 31.61
CA GLU B 259 -19.23 18.72 31.60
C GLU B 259 -18.42 19.17 30.37
N LEU B 260 -17.35 18.47 30.05
CA LEU B 260 -16.57 18.81 28.83
C LEU B 260 -17.43 18.59 27.59
N ALA B 261 -18.17 17.48 27.52
CA ALA B 261 -19.02 17.18 26.34
C ALA B 261 -20.06 18.29 26.15
N ARG B 262 -20.76 18.64 27.22
CA ARG B 262 -21.81 19.69 27.14
C ARG B 262 -21.17 21.03 26.80
N GLY B 263 -20.00 21.34 27.37
CA GLY B 263 -19.29 22.59 27.07
C GLY B 263 -18.89 22.67 25.60
N MET B 264 -18.44 21.55 25.04
CA MET B 264 -18.07 21.50 23.61
C MET B 264 -19.31 21.74 22.77
N ALA B 265 -20.43 21.12 23.11
CA ALA B 265 -21.69 21.28 22.36
C ALA B 265 -22.10 22.76 22.34
N GLU B 266 -22.02 23.41 23.49
CA GLU B 266 -22.39 24.84 23.60
C GLU B 266 -21.45 25.67 22.71
N LEU B 267 -20.15 25.37 22.76
CA LEU B 267 -19.10 26.14 22.06
C LEU B 267 -19.31 26.03 20.54
N VAL B 268 -19.54 24.82 20.03
CA VAL B 268 -19.64 24.62 18.56
C VAL B 268 -20.96 25.21 18.04
N GLU B 269 -22.02 25.20 18.83
CA GLU B 269 -23.29 25.86 18.44
C GLU B 269 -23.07 27.37 18.41
N ARG B 270 -22.45 27.94 19.44
CA ARG B 270 -22.31 29.41 19.57
C ARG B 270 -21.44 29.96 18.43
N HIS B 271 -20.34 29.27 18.11
CA HIS B 271 -19.32 29.74 17.12
C HIS B 271 -19.59 29.17 15.73
N ASP B 272 -20.57 28.27 15.60
CA ASP B 272 -20.92 27.57 14.35
C ASP B 272 -19.67 26.88 13.81
N LEU B 273 -19.17 25.92 14.56
CA LEU B 273 -17.94 25.18 14.22
C LEU B 273 -18.26 23.70 13.99
N PRO B 274 -17.37 23.00 13.27
CA PRO B 274 -17.35 21.54 13.29
C PRO B 274 -16.82 21.06 14.65
N PHE B 275 -16.92 19.77 14.89
CA PHE B 275 -16.48 19.14 16.14
C PHE B 275 -15.86 17.79 15.80
N ALA B 276 -14.81 17.38 16.50
CA ALA B 276 -14.18 16.08 16.23
C ALA B 276 -13.88 15.35 17.54
N THR B 277 -13.98 14.02 17.50
CA THR B 277 -13.47 13.20 18.61
C THR B 277 -13.14 11.80 18.07
N HIS B 278 -12.63 10.97 18.93
CA HIS B 278 -12.38 9.53 18.68
C HIS B 278 -13.36 8.75 19.53
N VAL B 279 -14.00 7.77 18.92
CA VAL B 279 -15.07 6.99 19.61
C VAL B 279 -15.21 5.65 18.89
N GLY B 280 -15.58 4.62 19.64
CA GLY B 280 -15.75 3.28 19.04
C GLY B 280 -14.49 2.81 18.34
N ALA B 281 -13.33 3.11 18.91
CA ALA B 281 -12.03 2.87 18.24
C ALA B 281 -11.52 1.46 18.50
N LEU B 282 -11.88 0.84 19.61
CA LEU B 282 -11.21 -0.38 20.12
C LEU B 282 -12.24 -1.37 20.67
N ARG B 283 -11.96 -2.66 20.53
CA ARG B 283 -12.82 -3.72 21.10
C ARG B 283 -13.05 -3.48 22.58
N ASN B 284 -12.03 -3.11 23.35
CA ASN B 284 -12.12 -3.06 24.83
C ASN B 284 -12.74 -1.74 25.30
N GLU B 285 -13.06 -0.83 24.39
CA GLU B 285 -13.53 0.52 24.78
C GLU B 285 -14.89 0.42 25.49
N ALA B 286 -15.85 -0.31 24.95
CA ALA B 286 -17.24 -0.29 25.47
C ALA B 286 -17.26 -0.72 26.94
N ASP B 287 -16.56 -1.80 27.29
CA ASP B 287 -16.58 -2.30 28.68
C ASP B 287 -15.92 -1.26 29.59
N ALA B 288 -14.84 -0.62 29.17
CA ALA B 288 -14.15 0.40 29.99
C ALA B 288 -15.07 1.62 30.15
N MET B 289 -15.79 2.00 29.09
CA MET B 289 -16.70 3.16 29.15
C MET B 289 -17.82 2.88 30.15
N ARG B 290 -18.41 1.67 30.09
N ARG B 290 -18.40 1.67 30.13
CA ARG B 290 -19.49 1.28 31.03
CA ARG B 290 -19.49 1.34 31.07
C ARG B 290 -18.94 1.27 32.47
C ARG B 290 -18.93 1.29 32.49
N ALA B 291 -17.73 0.74 32.67
CA ALA B 291 -17.11 0.61 34.01
C ALA B 291 -16.81 1.97 34.62
N TYR B 292 -16.37 2.96 33.84
CA TYR B 292 -15.84 4.24 34.39
C TYR B 292 -16.82 5.39 34.19
N HIS B 293 -17.68 5.35 33.18
CA HIS B 293 -18.62 6.45 32.83
C HIS B 293 -20.08 6.00 32.85
N GLY B 294 -20.36 4.70 32.94
CA GLY B 294 -21.73 4.17 32.99
C GLY B 294 -22.41 4.08 31.64
N GLU B 295 -21.72 4.40 30.55
CA GLU B 295 -22.36 4.47 29.22
C GLU B 295 -21.26 4.49 28.17
N THR B 296 -21.56 3.97 26.98
CA THR B 296 -20.58 3.87 25.87
C THR B 296 -20.45 5.21 25.16
N GLY B 297 -19.45 5.32 24.29
CA GLY B 297 -18.99 6.60 23.72
C GLY B 297 -20.07 7.30 22.92
N VAL B 298 -20.65 6.64 21.92
CA VAL B 298 -21.61 7.34 21.03
C VAL B 298 -22.83 7.76 21.84
N ARG B 299 -23.32 6.93 22.75
CA ARG B 299 -24.49 7.30 23.57
C ARG B 299 -24.14 8.51 24.47
N ARG B 300 -22.93 8.58 25.03
CA ARG B 300 -22.52 9.76 25.84
C ARG B 300 -22.45 11.00 24.97
N LEU B 301 -21.90 10.89 23.77
CA LEU B 301 -21.84 12.05 22.84
C LEU B 301 -23.27 12.47 22.50
N ALA B 302 -24.15 11.51 22.24
CA ALA B 302 -25.53 11.81 21.83
C ALA B 302 -26.24 12.56 22.96
N GLU B 303 -26.04 12.14 24.21
CA GLU B 303 -26.70 12.77 25.39
C GLU B 303 -26.27 14.23 25.49
N ALA B 304 -25.02 14.54 25.11
CA ALA B 304 -24.45 15.91 25.18
C ALA B 304 -24.87 16.76 23.98
N GLY B 305 -25.51 16.18 22.96
CA GLY B 305 -25.92 16.89 21.74
C GLY B 305 -24.82 16.95 20.70
N LEU B 306 -23.84 16.05 20.76
CA LEU B 306 -22.66 16.10 19.87
C LEU B 306 -22.78 15.13 18.68
N VAL B 307 -23.80 14.28 18.63
CA VAL B 307 -23.97 13.37 17.46
C VAL B 307 -24.90 14.07 16.48
N ASP B 308 -24.31 14.85 15.60
CA ASP B 308 -25.04 15.65 14.60
C ASP B 308 -24.12 15.89 13.40
N GLU B 309 -24.55 16.73 12.48
CA GLU B 309 -23.85 16.94 11.19
C GLU B 309 -22.46 17.55 11.43
N ARG B 310 -22.19 18.15 12.58
CA ARG B 310 -20.89 18.82 12.87
C ARG B 310 -19.81 17.78 13.20
N LEU B 311 -20.22 16.58 13.61
CA LEU B 311 -19.30 15.57 14.20
C LEU B 311 -18.47 14.87 13.13
N MET B 312 -17.16 14.90 13.28
CA MET B 312 -16.24 13.93 12.63
C MET B 312 -15.75 12.98 13.71
N ALA B 313 -16.16 11.73 13.62
CA ALA B 313 -15.78 10.66 14.57
C ALA B 313 -14.62 9.86 13.98
N GLY B 314 -13.49 9.84 14.68
CA GLY B 314 -12.35 9.01 14.29
C GLY B 314 -12.62 7.56 14.61
N HIS B 315 -12.44 6.70 13.60
CA HIS B 315 -12.49 5.21 13.70
C HIS B 315 -13.95 4.74 13.73
N SER B 316 -14.62 4.88 14.86
CA SER B 316 -16.10 4.76 14.96
C SER B 316 -16.59 3.41 14.39
N ALA B 317 -15.92 2.33 14.74
CA ALA B 317 -16.24 0.97 14.24
C ALA B 317 -16.93 0.11 15.31
N PHE B 318 -16.61 0.33 16.58
CA PHE B 318 -17.16 -0.52 17.68
C PHE B 318 -18.43 0.14 18.19
N LEU B 319 -19.46 0.11 17.36
CA LEU B 319 -20.78 0.74 17.63
C LEU B 319 -21.83 -0.37 17.55
N ASP B 320 -22.72 -0.47 18.53
CA ASP B 320 -23.85 -1.40 18.45
C ASP B 320 -24.93 -0.82 17.52
N ASP B 321 -26.01 -1.55 17.31
CA ASP B 321 -27.05 -1.14 16.33
C ASP B 321 -27.64 0.22 16.72
N GLN B 322 -27.86 0.45 18.00
CA GLN B 322 -28.49 1.71 18.46
C GLN B 322 -27.52 2.87 18.18
N GLU B 323 -26.24 2.67 18.41
CA GLU B 323 -25.22 3.72 18.18
C GLU B 323 -25.10 3.99 16.67
N GLN B 324 -25.15 2.95 15.85
CA GLN B 324 -25.14 3.12 14.38
C GLN B 324 -26.33 3.97 13.97
N LYS B 325 -27.50 3.69 14.52
CA LYS B 325 -28.71 4.48 14.18
C LYS B 325 -28.56 5.93 14.65
N LEU B 326 -27.93 6.19 15.79
CA LEU B 326 -27.71 7.58 16.25
C LEU B 326 -26.84 8.31 15.23
N MET B 327 -25.78 7.67 14.74
CA MET B 327 -24.87 8.33 13.77
C MET B 327 -25.64 8.63 12.48
N LEU B 328 -26.42 7.68 11.99
CA LEU B 328 -27.18 7.85 10.73
C LEU B 328 -28.24 8.94 10.92
N ALA B 329 -28.97 8.94 12.02
CA ALA B 329 -30.04 9.92 12.27
C ALA B 329 -29.43 11.31 12.38
N GLY B 330 -28.25 11.43 12.98
CA GLY B 330 -27.57 12.73 13.16
C GLY B 330 -26.83 13.16 11.90
N ARG B 331 -26.71 12.27 10.91
CA ARG B 331 -25.95 12.53 9.66
C ARG B 331 -24.54 12.99 10.03
N ALA B 332 -23.94 12.29 10.99
CA ALA B 332 -22.56 12.50 11.43
C ALA B 332 -21.60 11.96 10.37
N HIS B 333 -20.32 12.09 10.64
CA HIS B 333 -19.24 11.77 9.68
C HIS B 333 -18.24 10.87 10.37
N ILE B 334 -17.73 9.85 9.67
CA ILE B 334 -16.65 8.99 10.18
C ILE B 334 -15.41 9.22 9.34
N SER B 335 -14.29 9.41 10.01
CA SER B 335 -12.95 9.40 9.38
C SER B 335 -12.30 8.06 9.71
N HIS B 336 -11.94 7.32 8.67
CA HIS B 336 -11.41 5.94 8.80
C HIS B 336 -9.97 5.92 8.33
N SER B 337 -9.13 5.11 8.98
CA SER B 337 -7.67 5.10 8.71
C SER B 337 -7.18 3.68 8.44
N PRO B 338 -7.70 3.02 7.39
CA PRO B 338 -7.39 1.62 7.14
C PRO B 338 -5.94 1.32 6.73
N GLY B 339 -5.16 2.35 6.39
CA GLY B 339 -3.74 2.15 6.07
C GLY B 339 -2.91 1.82 7.29
N LYS B 340 -3.38 2.13 8.50
CA LYS B 340 -2.49 2.07 9.68
C LYS B 340 -3.05 1.17 10.80
N TYR B 341 -4.21 0.54 10.65
CA TYR B 341 -4.78 -0.27 11.74
C TYR B 341 -3.88 -1.47 12.06
N GLY B 342 -3.45 -2.21 11.06
CA GLY B 342 -2.71 -3.44 11.33
C GLY B 342 -1.44 -3.21 12.13
N PRO B 343 -0.57 -2.26 11.72
CA PRO B 343 0.67 -2.03 12.47
C PRO B 343 0.47 -1.52 13.91
N SER B 344 -0.72 -1.01 14.23
CA SER B 344 -1.10 -0.61 15.61
C SER B 344 -1.80 -1.77 16.34
N GLY B 345 -2.14 -2.86 15.64
CA GLY B 345 -2.92 -3.96 16.24
C GLY B 345 -4.36 -3.57 16.44
N GLU B 346 -4.83 -2.54 15.74
N GLU B 346 -4.84 -2.54 15.74
CA GLU B 346 -6.26 -2.15 15.75
CA GLU B 346 -6.25 -2.09 15.76
C GLU B 346 -7.03 -3.07 14.82
C GLU B 346 -7.05 -2.95 14.75
N SER B 347 -8.35 -3.13 15.01
CA SER B 347 -9.23 -4.04 14.24
C SER B 347 -10.49 -3.28 13.84
N ALA B 348 -10.33 -2.00 13.51
CA ALA B 348 -11.44 -1.06 13.28
C ALA B 348 -12.00 -1.17 11.86
N LEU B 349 -11.57 -2.14 11.06
CA LEU B 349 -12.22 -2.39 9.75
C LEU B 349 -13.03 -3.69 9.77
N THR B 350 -12.37 -4.82 10.01
CA THR B 350 -12.97 -6.14 9.70
C THR B 350 -13.66 -6.77 10.91
N GLU B 351 -13.27 -6.43 12.14
CA GLU B 351 -13.83 -7.17 13.29
C GLU B 351 -15.34 -6.90 13.37
N THR B 352 -15.79 -5.69 13.07
CA THR B 352 -17.23 -5.34 13.12
C THR B 352 -17.79 -5.05 11.73
N GLY B 353 -16.97 -4.60 10.78
CA GLY B 353 -17.44 -4.18 9.44
C GLY B 353 -18.39 -2.99 9.50
N VAL B 354 -18.42 -2.26 10.61
CA VAL B 354 -19.44 -1.20 10.80
C VAL B 354 -19.16 -0.01 9.89
N VAL B 355 -17.91 0.36 9.67
CA VAL B 355 -17.67 1.60 8.91
C VAL B 355 -18.08 1.41 7.45
N PRO B 356 -17.68 0.32 6.75
CA PRO B 356 -18.20 0.11 5.40
C PRO B 356 -19.73 0.00 5.37
N ALA B 357 -20.33 -0.64 6.37
CA ALA B 357 -21.81 -0.77 6.42
C ALA B 357 -22.46 0.60 6.54
N LEU B 358 -21.94 1.48 7.40
CA LEU B 358 -22.55 2.82 7.57
C LEU B 358 -22.38 3.60 6.27
N ARG B 359 -21.26 3.45 5.58
CA ARG B 359 -21.05 4.11 4.28
C ARG B 359 -22.10 3.61 3.27
N ARG B 360 -22.36 2.30 3.23
CA ARG B 360 -23.38 1.76 2.30
C ARG B 360 -24.76 2.31 2.67
N ALA B 361 -25.01 2.57 3.95
CA ALA B 361 -26.32 3.11 4.43
C ALA B 361 -26.42 4.61 4.19
N GLY B 362 -25.37 5.26 3.67
CA GLY B 362 -25.41 6.67 3.27
C GLY B 362 -24.74 7.61 4.26
N LEU B 363 -24.05 7.11 5.27
CA LEU B 363 -23.24 7.99 6.14
C LEU B 363 -22.02 8.48 5.35
N ASP B 364 -21.64 9.74 5.55
CA ASP B 364 -20.38 10.27 5.01
C ASP B 364 -19.19 9.62 5.71
N VAL B 365 -18.32 8.99 4.95
CA VAL B 365 -17.07 8.33 5.46
C VAL B 365 -15.92 8.82 4.61
N SER B 366 -14.91 9.37 5.27
CA SER B 366 -13.67 9.84 4.61
C SER B 366 -12.49 9.00 5.08
N LEU B 367 -11.36 9.19 4.40
CA LEU B 367 -10.10 8.46 4.68
C LEU B 367 -9.09 9.45 5.23
N SER B 368 -8.38 9.03 6.25
CA SER B 368 -7.36 9.86 6.92
C SER B 368 -6.18 9.01 7.34
N THR B 369 -5.08 9.64 7.71
CA THR B 369 -3.84 8.93 8.01
C THR B 369 -3.73 8.61 9.49
N ASP B 370 -4.42 9.34 10.37
CA ASP B 370 -4.12 9.22 11.81
C ASP B 370 -2.67 9.66 11.90
N ALA B 371 -1.91 9.22 12.88
CA ALA B 371 -0.50 9.66 12.89
C ALA B 371 0.24 8.83 13.89
N ALA B 372 1.54 8.88 13.73
CA ALA B 372 2.48 8.30 14.69
C ALA B 372 3.64 9.26 14.80
N ALA B 373 4.68 8.80 15.45
CA ALA B 373 5.82 9.66 15.82
C ALA B 373 6.91 9.61 14.74
N LEU B 374 6.83 8.67 13.81
CA LEU B 374 7.72 8.59 12.61
C LEU B 374 6.82 8.48 11.39
N PRO B 375 7.33 8.81 10.18
CA PRO B 375 6.52 8.68 8.97
C PRO B 375 5.87 7.31 8.81
N GLY B 376 4.57 7.33 8.55
CA GLY B 376 3.75 6.15 8.29
C GLY B 376 2.93 6.37 7.02
N ALA B 377 1.90 5.56 6.84
CA ALA B 377 1.01 5.65 5.66
C ALA B 377 0.54 7.08 5.50
N GLY B 378 0.69 7.62 4.29
CA GLY B 378 0.10 8.90 3.90
C GLY B 378 -1.28 8.69 3.29
N ILE B 379 -1.85 9.75 2.76
CA ILE B 379 -3.19 9.67 2.12
C ILE B 379 -3.11 8.71 0.94
N ALA B 380 -2.08 8.76 0.09
CA ALA B 380 -2.01 7.88 -1.09
C ALA B 380 -2.06 6.41 -0.64
N GLU B 381 -1.32 6.08 0.40
CA GLU B 381 -1.28 4.71 0.96
C GLU B 381 -2.64 4.35 1.54
N THR B 382 -3.31 5.29 2.18
CA THR B 382 -4.65 5.06 2.78
C THR B 382 -5.69 4.82 1.69
N MET B 383 -5.61 5.55 0.58
CA MET B 383 -6.54 5.34 -0.56
C MET B 383 -6.35 3.92 -1.10
N ARG B 384 -5.11 3.46 -1.28
CA ARG B 384 -4.87 2.08 -1.75
C ARG B 384 -5.50 1.11 -0.76
N ALA B 385 -5.26 1.31 0.52
CA ALA B 385 -5.76 0.38 1.56
C ALA B 385 -7.28 0.28 1.47
N ALA B 386 -8.00 1.39 1.36
CA ALA B 386 -9.48 1.36 1.34
C ALA B 386 -9.93 0.60 0.08
N TRP B 387 -9.30 0.87 -1.04
CA TRP B 387 -9.64 0.24 -2.34
C TRP B 387 -9.46 -1.27 -2.22
N GLN B 388 -8.33 -1.73 -1.70
CA GLN B 388 -8.08 -3.18 -1.51
C GLN B 388 -9.08 -3.74 -0.49
N MET B 389 -9.16 -3.11 0.68
CA MET B 389 -9.70 -3.78 1.88
C MET B 389 -11.22 -3.72 1.89
N TYR B 390 -11.83 -2.58 1.54
CA TYR B 390 -13.31 -2.52 1.56
C TYR B 390 -13.84 -3.48 0.49
N ASN B 391 -13.18 -3.54 -0.66
CA ASN B 391 -13.65 -4.35 -1.79
C ASN B 391 -13.47 -5.84 -1.49
N GLU B 392 -12.38 -6.23 -0.86
CA GLU B 392 -12.15 -7.66 -0.52
C GLU B 392 -13.21 -8.09 0.50
N MET B 393 -13.53 -7.24 1.47
CA MET B 393 -14.48 -7.63 2.54
C MET B 393 -15.85 -7.97 1.96
N SER B 394 -16.25 -7.25 0.92
N SER B 394 -16.25 -7.24 0.92
CA SER B 394 -17.60 -7.35 0.30
CA SER B 394 -17.58 -7.31 0.28
C SER B 394 -17.58 -8.22 -0.97
C SER B 394 -17.57 -8.18 -0.99
N ALA B 395 -16.42 -8.75 -1.37
CA ALA B 395 -16.29 -9.49 -2.64
C ALA B 395 -16.86 -8.62 -3.76
N ASP B 396 -16.48 -7.34 -3.79
CA ASP B 396 -17.12 -6.37 -4.69
C ASP B 396 -16.10 -5.31 -5.09
N GLN B 397 -15.60 -5.39 -6.32
CA GLN B 397 -14.58 -4.45 -6.82
C GLN B 397 -15.19 -3.08 -7.09
N THR B 398 -16.49 -2.90 -6.86
CA THR B 398 -17.17 -1.61 -7.10
C THR B 398 -17.58 -0.92 -5.80
N GLU B 399 -17.31 -1.51 -4.63
CA GLU B 399 -17.78 -0.88 -3.38
C GLU B 399 -17.01 0.43 -3.14
N VAL B 400 -15.69 0.36 -3.24
CA VAL B 400 -14.81 1.57 -3.28
C VAL B 400 -14.13 1.55 -4.64
N LEU B 401 -14.62 2.33 -5.58
CA LEU B 401 -13.90 2.55 -6.85
C LEU B 401 -12.68 3.42 -6.56
N PRO B 402 -11.62 3.39 -7.39
CA PRO B 402 -10.52 4.32 -7.18
C PRO B 402 -10.99 5.77 -7.05
N THR B 403 -11.96 6.20 -7.84
CA THR B 403 -12.46 7.59 -7.73
C THR B 403 -13.20 7.81 -6.41
N ASP B 404 -13.80 6.77 -5.83
CA ASP B 404 -14.38 6.89 -4.46
C ASP B 404 -13.26 7.08 -3.44
N ALA B 405 -12.18 6.31 -3.54
CA ALA B 405 -11.04 6.48 -2.60
C ALA B 405 -10.51 7.91 -2.70
N LEU B 406 -10.44 8.45 -3.91
CA LEU B 406 -10.00 9.86 -4.07
C LEU B 406 -11.02 10.79 -3.42
N ALA B 407 -12.31 10.65 -3.69
CA ALA B 407 -13.35 11.51 -3.09
C ALA B 407 -13.23 11.44 -1.56
N MET B 408 -12.97 10.26 -1.02
CA MET B 408 -12.92 10.05 0.45
C MET B 408 -11.73 10.80 1.05
N ALA B 409 -10.70 11.07 0.25
CA ALA B 409 -9.46 11.76 0.70
C ALA B 409 -9.45 13.22 0.27
N THR B 410 -10.52 13.74 -0.35
CA THR B 410 -10.59 15.11 -0.88
C THR B 410 -11.95 15.71 -0.49
N ARG B 411 -12.93 15.60 -1.37
CA ARG B 411 -14.22 16.32 -1.22
C ARG B 411 -14.95 15.86 0.05
N ILE B 412 -15.05 14.55 0.27
CA ILE B 412 -15.87 14.05 1.40
C ILE B 412 -15.16 14.42 2.70
N ALA B 413 -13.83 14.32 2.74
CA ALA B 413 -13.06 14.76 3.93
C ALA B 413 -13.29 16.26 4.18
N ALA B 414 -13.26 17.06 3.13
CA ALA B 414 -13.52 18.52 3.24
C ALA B 414 -14.91 18.76 3.81
N LYS B 415 -15.91 17.98 3.38
CA LYS B 415 -17.28 18.14 3.91
C LYS B 415 -17.27 17.86 5.42
N GLY B 416 -16.61 16.79 5.86
CA GLY B 416 -16.56 16.45 7.29
C GLY B 416 -15.85 17.51 8.09
N LEU B 417 -14.85 18.17 7.48
CA LEU B 417 -14.06 19.25 8.11
C LEU B 417 -14.78 20.60 8.01
N ARG B 418 -15.88 20.68 7.26
CA ARG B 418 -16.63 21.93 6.94
C ARG B 418 -15.69 22.91 6.22
N TRP B 419 -14.87 22.40 5.32
CA TRP B 419 -14.02 23.23 4.42
C TRP B 419 -14.39 22.97 2.96
N ASP B 420 -15.48 22.26 2.69
CA ASP B 420 -15.86 21.93 1.29
C ASP B 420 -16.41 23.17 0.58
N ASP B 421 -16.60 24.28 1.29
CA ASP B 421 -16.93 25.61 0.70
C ASP B 421 -15.77 26.05 -0.19
N ALA B 422 -14.54 25.65 0.12
CA ALA B 422 -13.33 26.20 -0.54
C ALA B 422 -12.43 25.10 -1.10
N VAL B 423 -12.39 23.90 -0.52
CA VAL B 423 -11.39 22.89 -0.94
C VAL B 423 -12.05 21.54 -1.19
N GLY B 424 -11.25 20.60 -1.68
CA GLY B 424 -11.63 19.18 -1.81
C GLY B 424 -12.06 18.80 -3.20
N SER B 425 -12.25 19.74 -4.12
CA SER B 425 -12.58 19.38 -5.51
C SER B 425 -12.15 20.46 -6.48
N LEU B 426 -11.89 20.08 -7.71
CA LEU B 426 -11.52 21.02 -8.78
C LEU B 426 -12.79 21.42 -9.52
N GLU B 427 -13.34 22.55 -9.11
CA GLU B 427 -14.60 23.10 -9.67
C GLU B 427 -14.45 24.62 -9.68
N PRO B 428 -15.10 25.34 -10.62
CA PRO B 428 -15.03 26.78 -10.63
C PRO B 428 -15.47 27.37 -9.28
N GLY B 429 -14.66 28.30 -8.76
CA GLY B 429 -14.96 29.02 -7.51
C GLY B 429 -14.27 28.42 -6.30
N LYS B 430 -13.80 27.17 -6.39
N LYS B 430 -13.79 27.17 -6.39
CA LYS B 430 -13.03 26.53 -5.29
CA LYS B 430 -13.04 26.53 -5.29
C LYS B 430 -11.56 26.93 -5.40
C LYS B 430 -11.56 26.92 -5.39
N GLN B 431 -10.80 26.69 -4.34
CA GLN B 431 -9.37 27.04 -4.29
C GLN B 431 -8.57 26.18 -5.28
N ALA B 432 -7.58 26.81 -5.89
CA ALA B 432 -6.61 26.16 -6.80
C ALA B 432 -5.61 25.34 -5.99
N ASP B 433 -6.08 24.24 -5.42
CA ASP B 433 -5.25 23.29 -4.63
C ASP B 433 -5.20 22.02 -5.46
N LEU B 434 -4.01 21.71 -6.00
N LEU B 434 -4.02 21.67 -5.98
CA LEU B 434 -3.84 20.65 -7.03
CA LEU B 434 -3.98 20.50 -6.88
C LEU B 434 -2.58 19.85 -6.73
C LEU B 434 -2.60 19.88 -6.84
N LEU B 435 -2.59 18.59 -7.17
CA LEU B 435 -1.39 17.75 -7.22
C LEU B 435 -1.12 17.37 -8.65
N LEU B 436 0.15 17.22 -8.99
CA LEU B 436 0.55 16.55 -10.25
C LEU B 436 1.37 15.33 -9.87
N VAL B 437 1.07 14.23 -10.54
CA VAL B 437 1.81 12.95 -10.42
C VAL B 437 2.29 12.57 -11.82
N ARG B 438 3.56 12.23 -11.98
CA ARG B 438 4.09 11.77 -13.29
C ARG B 438 3.47 10.42 -13.62
N THR B 439 3.02 10.24 -14.86
CA THR B 439 2.37 8.98 -15.32
C THR B 439 3.10 8.40 -16.54
N ASP B 440 4.35 8.78 -16.74
CA ASP B 440 5.08 8.38 -17.98
C ASP B 440 5.89 7.10 -17.79
N ASP B 441 5.86 6.43 -16.63
CA ASP B 441 6.69 5.22 -16.39
C ASP B 441 5.86 3.94 -16.53
N TRP B 442 6.54 2.81 -16.45
CA TRP B 442 6.00 1.44 -16.69
C TRP B 442 4.71 1.21 -15.90
N ARG B 443 4.55 1.82 -14.72
CA ARG B 443 3.39 1.50 -13.86
C ARG B 443 2.09 1.88 -14.58
N TYR B 444 2.14 2.91 -15.42
CA TYR B 444 0.94 3.58 -15.96
C TYR B 444 0.70 3.18 -17.42
N LEU B 445 1.62 2.43 -18.02
CA LEU B 445 1.60 2.20 -19.47
C LEU B 445 0.30 1.50 -19.88
N LEU B 446 -0.41 2.09 -20.84
CA LEU B 446 -1.64 1.59 -21.50
C LEU B 446 -2.87 1.76 -20.61
N ASN B 447 -2.73 2.24 -19.38
CA ASN B 447 -3.91 2.30 -18.47
C ASN B 447 -4.65 3.59 -18.74
N PRO B 448 -5.92 3.56 -19.20
CA PRO B 448 -6.71 4.78 -19.32
C PRO B 448 -7.14 5.34 -17.96
N ARG B 449 -6.82 4.62 -16.88
CA ARG B 449 -7.17 5.00 -15.50
C ARG B 449 -5.89 5.16 -14.70
N PRO B 450 -5.14 6.27 -14.89
CA PRO B 450 -3.88 6.41 -14.15
C PRO B 450 -4.08 6.42 -12.63
N LEU B 451 -5.24 6.84 -12.12
CA LEU B 451 -5.46 6.79 -10.66
C LEU B 451 -5.40 5.34 -10.18
N GLU B 452 -5.87 4.40 -10.99
CA GLU B 452 -5.84 2.97 -10.63
C GLU B 452 -4.39 2.51 -10.55
N SER B 453 -3.56 2.83 -11.54
CA SER B 453 -2.12 2.50 -11.51
C SER B 453 -1.46 3.14 -10.28
N PHE B 454 -1.83 4.38 -9.97
CA PHE B 454 -1.31 5.09 -8.78
C PHE B 454 -1.63 4.30 -7.51
N LEU B 455 -2.85 3.81 -7.39
CA LEU B 455 -3.25 3.00 -6.21
C LEU B 455 -2.54 1.64 -6.25
N TRP B 456 -2.29 1.06 -7.41
CA TRP B 456 -1.58 -0.25 -7.44
C TRP B 456 -0.14 -0.09 -6.97
N LEU B 457 0.57 0.94 -7.45
CA LEU B 457 2.05 0.89 -7.52
C LEU B 457 2.73 2.19 -7.15
N ALA B 458 1.99 3.20 -6.70
CA ALA B 458 2.58 4.49 -6.34
C ALA B 458 2.17 4.90 -4.93
N GLY B 459 2.63 6.06 -4.51
CA GLY B 459 2.34 6.53 -3.15
C GLY B 459 2.76 7.95 -2.96
N SER B 460 2.89 8.32 -1.69
CA SER B 460 3.21 9.68 -1.24
C SER B 460 4.42 10.23 -1.98
N ALA B 461 5.50 9.47 -2.10
CA ALA B 461 6.75 9.98 -2.69
C ALA B 461 6.59 10.24 -4.20
N ASP B 462 5.56 9.71 -4.83
CA ASP B 462 5.30 9.95 -6.27
C ASP B 462 4.52 11.23 -6.50
N VAL B 463 4.10 11.92 -5.46
CA VAL B 463 3.55 13.28 -5.66
C VAL B 463 4.68 14.15 -6.19
N ASP B 464 4.47 14.74 -7.36
CA ASP B 464 5.53 15.53 -8.01
C ASP B 464 5.37 17.00 -7.66
N THR B 465 4.18 17.54 -7.92
CA THR B 465 3.91 18.98 -7.75
C THR B 465 2.74 19.15 -6.79
N VAL B 466 2.85 20.11 -5.89
CA VAL B 466 1.77 20.47 -4.96
C VAL B 466 1.56 21.98 -5.08
N ILE B 467 0.34 22.37 -5.41
CA ILE B 467 -0.08 23.79 -5.57
C ILE B 467 -1.17 24.07 -4.55
N VAL B 468 -1.02 25.15 -3.79
CA VAL B 468 -2.06 25.60 -2.83
C VAL B 468 -2.39 27.05 -3.16
N GLY B 469 -3.66 27.33 -3.42
CA GLY B 469 -4.11 28.69 -3.75
C GLY B 469 -3.33 29.23 -4.93
N GLY B 470 -3.02 28.37 -5.92
CA GLY B 470 -2.31 28.77 -7.15
C GLY B 470 -0.81 28.85 -6.99
N ARG B 471 -0.27 28.68 -5.79
CA ARG B 471 1.19 28.79 -5.53
C ARG B 471 1.83 27.40 -5.52
N THR B 472 2.89 27.21 -6.30
CA THR B 472 3.63 25.93 -6.29
C THR B 472 4.48 25.86 -5.03
N LEU B 473 4.24 24.85 -4.19
CA LEU B 473 5.02 24.64 -2.95
C LEU B 473 5.96 23.45 -3.12
N VAL B 474 5.64 22.50 -3.98
CA VAL B 474 6.45 21.28 -4.24
C VAL B 474 6.50 21.12 -5.76
N GLU B 475 7.68 20.85 -6.31
CA GLU B 475 7.84 20.63 -7.77
C GLU B 475 8.96 19.61 -7.96
N GLY B 476 8.74 18.60 -8.80
CA GLY B 476 9.72 17.52 -8.98
C GLY B 476 10.01 16.80 -7.68
N GLY B 477 9.02 16.74 -6.78
CA GLY B 477 9.13 16.08 -5.47
C GLY B 477 10.04 16.83 -4.53
N ARG B 478 10.31 18.12 -4.78
CA ARG B 478 11.18 18.95 -3.92
C ARG B 478 10.46 20.22 -3.49
N GLY B 479 10.73 20.68 -2.28
CA GLY B 479 10.24 21.98 -1.78
C GLY B 479 10.72 23.10 -2.68
N VAL B 480 9.82 24.03 -3.02
CA VAL B 480 10.15 25.22 -3.85
C VAL B 480 10.71 26.32 -2.93
N GLU B 481 10.02 26.61 -1.82
N GLU B 481 10.02 26.60 -1.83
CA GLU B 481 10.47 27.60 -0.81
CA GLU B 481 10.48 27.58 -0.81
C GLU B 481 10.99 26.86 0.42
C GLU B 481 11.07 26.81 0.38
N VAL B 482 10.55 25.63 0.67
CA VAL B 482 11.05 24.82 1.81
C VAL B 482 12.52 24.48 1.57
N ASP B 483 13.33 24.63 2.62
N ASP B 483 13.35 24.66 2.61
CA ASP B 483 14.73 24.15 2.69
CA ASP B 483 14.73 24.13 2.69
C ASP B 483 14.70 22.81 3.45
C ASP B 483 14.65 22.81 3.45
N GLU B 484 14.61 21.70 2.73
CA GLU B 484 14.27 20.37 3.31
C GLU B 484 15.32 19.98 4.36
N ALA B 485 16.59 20.15 4.03
CA ALA B 485 17.70 19.73 4.92
C ALA B 485 17.65 20.60 6.18
N ALA B 486 17.38 21.89 6.03
CA ALA B 486 17.31 22.82 7.18
C ALA B 486 16.11 22.47 8.07
N LEU B 487 14.93 22.19 7.52
CA LEU B 487 13.75 21.82 8.34
C LEU B 487 14.11 20.54 9.11
N ARG B 488 14.71 19.58 8.41
CA ARG B 488 15.06 18.30 9.07
C ARG B 488 16.00 18.56 10.24
N ASP B 489 17.07 19.32 10.01
CA ASP B 489 18.12 19.49 11.03
C ASP B 489 17.55 20.24 12.25
N ARG B 490 16.68 21.23 12.04
N ARG B 490 16.68 21.23 12.04
CA ARG B 490 16.04 21.97 13.16
CA ARG B 490 16.05 21.97 13.15
C ARG B 490 15.13 21.01 13.93
C ARG B 490 15.12 21.03 13.93
N TYR B 491 14.39 20.16 13.24
CA TYR B 491 13.52 19.16 13.90
C TYR B 491 14.37 18.22 14.75
N LEU B 492 15.49 17.72 14.22
CA LEU B 492 16.32 16.75 14.97
C LEU B 492 16.92 17.42 16.22
N GLN B 493 17.35 18.67 16.13
CA GLN B 493 17.90 19.42 17.28
C GLN B 493 16.79 19.61 18.33
N ALA B 494 15.58 19.98 17.90
CA ALA B 494 14.42 20.18 18.80
C ALA B 494 14.06 18.85 19.47
N LEU B 495 14.03 17.78 18.68
CA LEU B 495 13.72 16.43 19.19
C LEU B 495 14.75 16.02 20.25
N ARG B 496 16.03 16.31 20.03
CA ARG B 496 17.10 15.98 21.00
C ARG B 496 16.77 16.64 22.35
N GLY B 497 16.47 17.94 22.33
CA GLY B 497 16.21 18.70 23.57
C GLY B 497 14.99 18.19 24.28
N PHE B 498 13.88 18.03 23.57
CA PHE B 498 12.60 17.60 24.16
C PHE B 498 12.75 16.18 24.72
N THR B 499 13.40 15.30 23.97
CA THR B 499 13.51 13.86 24.33
C THR B 499 14.34 13.72 25.60
N THR B 500 15.45 14.45 25.72
CA THR B 500 16.36 14.33 26.89
C THR B 500 15.75 15.06 28.09
N ARG B 501 15.15 16.23 27.90
CA ARG B 501 14.67 17.07 29.03
C ARG B 501 13.28 16.59 29.49
N ALA B 502 12.30 16.57 28.58
CA ALA B 502 10.88 16.37 28.91
C ALA B 502 10.56 14.87 29.03
N LEU B 503 11.11 14.02 28.16
CA LEU B 503 10.83 12.56 28.16
C LEU B 503 11.87 11.83 29.01
N ARG B 504 12.94 12.51 29.42
CA ARG B 504 13.97 11.98 30.37
C ARG B 504 14.65 10.75 29.78
N VAL B 505 14.78 10.69 28.44
CA VAL B 505 15.62 9.64 27.79
C VAL B 505 17.07 10.09 27.93
N PRO B 506 17.97 9.25 28.46
CA PRO B 506 19.38 9.63 28.59
C PRO B 506 20.00 10.07 27.25
N ALA B 507 20.82 11.11 27.26
CA ALA B 507 21.57 11.61 26.09
C ALA B 507 22.39 10.47 25.46
N GLU B 508 22.85 9.52 26.28
CA GLU B 508 23.70 8.38 25.86
C GLU B 508 22.92 7.48 24.90
N ALA B 509 21.59 7.45 24.98
CA ALA B 509 20.70 6.67 24.09
C ALA B 509 20.31 7.50 22.86
N VAL B 510 20.12 8.81 23.03
CA VAL B 510 19.63 9.72 21.95
C VAL B 510 20.77 10.03 20.99
N ASP B 511 21.92 10.47 21.49
CA ASP B 511 22.98 11.06 20.63
C ASP B 511 23.48 10.04 19.59
N PRO B 512 23.71 8.76 19.91
CA PRO B 512 24.15 7.78 18.90
C PRO B 512 23.16 7.63 17.73
N VAL B 513 21.87 7.76 18.00
CA VAL B 513 20.81 7.70 16.94
C VAL B 513 20.92 8.94 16.06
N LEU B 514 21.10 10.12 16.66
CA LEU B 514 21.22 11.37 15.88
C LEU B 514 22.54 11.35 15.09
N ALA B 515 23.58 10.68 15.61
CA ALA B 515 24.89 10.54 14.93
C ALA B 515 24.77 9.64 13.70
N GLU B 516 23.77 8.74 13.68
CA GLU B 516 23.51 7.79 12.58
C GLU B 516 22.80 8.46 11.39
N VAL B 517 22.14 9.60 11.59
CA VAL B 517 21.30 10.23 10.54
C VAL B 517 22.16 10.44 9.28
N ALA B 518 21.62 10.05 8.12
CA ALA B 518 22.24 10.23 6.80
C ALA B 518 21.88 11.60 6.25
N ARG B 519 22.86 12.51 6.19
CA ARG B 519 22.69 13.86 5.62
C ARG B 519 23.45 13.97 4.29
O8 3HA C . -5.59 -17.90 -11.61
C7 3HA C . -5.91 -17.50 -10.47
O9 3HA C . -5.13 -16.92 -9.63
C2 3HA C . -7.28 -17.80 -10.01
C1 3HA C . -7.88 -19.00 -10.32
C6 3HA C . -9.15 -19.31 -9.86
C5 3HA C . -9.86 -18.39 -9.09
C4 3HA C . -9.33 -17.17 -8.74
O11 3HA C . -10.04 -16.28 -7.99
C3 3HA C . -7.99 -16.81 -9.21
N10 3HA C . -7.44 -15.59 -8.89
ZN ZN D . -3.18 -17.33 -9.91
MG MG E . -8.82 -12.63 18.11
O8 3HA F . -6.52 8.00 16.61
C7 3HA F . -6.43 8.09 17.89
O9 3HA F . -5.99 9.11 18.49
C2 3HA F . -6.95 6.96 18.67
C1 3HA F . -7.65 7.20 19.83
C6 3HA F . -8.20 6.15 20.54
C5 3HA F . -8.04 4.83 20.14
C4 3HA F . -7.35 4.51 18.98
O11 3HA F . -7.22 3.23 18.60
C3 3HA F . -6.76 5.58 18.19
N10 3HA F . -6.05 5.32 17.04
C1 GOL G . -3.84 29.77 21.64
O1 GOL G . -3.03 28.63 21.85
C2 GOL G . -3.57 30.89 22.62
O2 GOL G . -2.19 30.89 23.02
C3 GOL G . -3.95 32.26 22.10
O3 GOL G . -3.06 33.28 22.52
ZN ZN H . -6.58 9.79 15.68
#